data_5U5T
#
_entry.id   5U5T
#
_cell.length_a   92.810
_cell.length_b   177.909
_cell.length_c   50.340
_cell.angle_alpha   90.00
_cell.angle_beta   90.00
_cell.angle_gamma   90.00
#
_symmetry.space_group_name_H-M   'P 21 21 2'
#
loop_
_entity.id
_entity.type
_entity.pdbx_description
1 polymer 'Polycomb protein EED'
2 polymer 'Histone-lysine N-methyltransferase EZH2'
3 non-polymer (3R)-3-[(2H-1,3-benzodioxol-4-yl)methyl]piperidine-1-carboximidamide
4 non-polymer 'YTTRIUM (III) ION'
5 water water
#
loop_
_entity_poly.entity_id
_entity_poly.type
_entity_poly.pdbx_seq_one_letter_code
_entity_poly.pdbx_strand_id
1 'polypeptide(L)'
;GKKCKYSFKCVNSLKEDHNQPLFGVQFNWHSKEGDPLVFATVGSNRVTLYECHSQGEIRLLQSYVDADADENFYTCAWTY
DSNTSHPLLAVAGSRGIIRIINPITMQCIKHYVGHGNAINELKFHPRDPNLLLSVSKDHALRLWNIQTDTLVAIFGGVEG
HRDEVLSADYDLLGEKIMSCGMDHSLKLWRINSKRMMNAIKESYDYNPNKTNRPFISQKIHFPDFSTRDIHRNYVDCVRW
LGDLILSKSCENAIVCWKPGKMEDDIDKIKPSESNVTILGRFDYSQCDIWYMRFSMDFWQKMLALGNQVGKLYVWDLEVE
DPHKAKCTTLTHHKCGAAIRQTSFSRDSSILIAVCDDASIWRWDRLR
;
A,B
2 'polypeptide(L)' KSMFSSNRQKILERTEILNQEWKQRRIQPV C,D
#
loop_
_chem_comp.id
_chem_comp.type
_chem_comp.name
_chem_comp.formula
7W7 non-polymer (3R)-3-[(2H-1,3-benzodioxol-4-yl)methyl]piperidine-1-carboximidamide 'C14 H19 N3 O2'
YT3 non-polymer 'YTTRIUM (III) ION' 'Y 3'
#
# COMPACT_ATOMS: atom_id res chain seq x y z
N LYS A 5 -38.61 9.01 0.38
CA LYS A 5 -38.73 7.55 0.35
C LYS A 5 -38.18 6.87 1.62
N TYR A 6 -37.40 7.62 2.42
CA TYR A 6 -36.80 7.13 3.67
C TYR A 6 -37.70 7.40 4.85
N SER A 7 -38.11 6.32 5.54
CA SER A 7 -38.99 6.38 6.71
C SER A 7 -38.30 5.71 7.93
N PHE A 8 -38.51 6.28 9.13
CA PHE A 8 -37.89 5.79 10.37
C PHE A 8 -38.88 5.74 11.53
N LYS A 9 -38.61 4.85 12.51
CA LYS A 9 -39.43 4.65 13.70
C LYS A 9 -38.52 4.87 14.90
N CYS A 10 -38.97 5.67 15.87
CA CYS A 10 -38.18 5.86 17.09
C CYS A 10 -38.41 4.64 17.99
N VAL A 11 -37.37 3.83 18.13
CA VAL A 11 -37.52 2.56 18.88
C VAL A 11 -37.06 2.63 20.34
N ASN A 12 -36.22 3.61 20.67
CA ASN A 12 -35.67 3.72 22.02
C ASN A 12 -35.03 5.07 22.23
N SER A 13 -34.82 5.40 23.49
CA SER A 13 -34.11 6.61 23.90
C SER A 13 -33.62 6.39 25.31
N LEU A 14 -32.67 7.23 25.75
CA LEU A 14 -32.15 7.21 27.10
C LEU A 14 -31.56 8.56 27.42
N LYS A 15 -31.19 8.76 28.67
CA LYS A 15 -30.55 9.99 29.05
C LYS A 15 -29.32 9.60 29.85
N GLU A 16 -28.18 10.22 29.55
CA GLU A 16 -26.94 9.97 30.31
C GLU A 16 -27.05 10.76 31.64
N ASP A 17 -26.59 10.17 32.76
CA ASP A 17 -26.79 10.75 34.11
C ASP A 17 -25.97 12.02 34.46
N HIS A 18 -25.06 12.47 33.59
CA HIS A 18 -24.31 13.71 33.83
C HIS A 18 -25.19 14.94 33.52
N ASN A 19 -26.30 14.73 32.76
CA ASN A 19 -27.31 15.74 32.37
C ASN A 19 -26.74 16.94 31.59
N GLN A 20 -25.53 16.77 31.02
CA GLN A 20 -24.90 17.83 30.26
C GLN A 20 -25.13 17.66 28.75
N PRO A 21 -24.98 18.71 27.92
CA PRO A 21 -25.15 18.52 26.47
C PRO A 21 -24.22 17.47 25.88
N LEU A 22 -24.73 16.66 24.96
CA LEU A 22 -23.92 15.70 24.20
C LEU A 22 -23.64 16.41 22.88
N PHE A 23 -22.36 16.67 22.57
CA PHE A 23 -22.06 17.40 21.36
C PHE A 23 -21.68 16.55 20.17
N GLY A 24 -21.29 15.32 20.41
CA GLY A 24 -20.84 14.46 19.32
C GLY A 24 -21.36 13.04 19.44
N VAL A 25 -21.55 12.38 18.30
CA VAL A 25 -21.98 10.98 18.27
C VAL A 25 -21.43 10.41 16.98
N GLN A 26 -20.86 9.18 17.04
CA GLN A 26 -20.31 8.51 15.86
C GLN A 26 -20.48 7.02 15.97
N PHE A 27 -21.12 6.41 14.96
CA PHE A 27 -21.07 4.96 14.81
C PHE A 27 -19.63 4.61 14.33
N ASN A 28 -19.17 3.43 14.70
CA ASN A 28 -17.89 2.90 14.28
C ASN A 28 -18.10 2.28 12.90
N TRP A 29 -17.76 3.01 11.85
CA TRP A 29 -17.92 2.47 10.48
C TRP A 29 -16.82 1.47 10.11
N HIS A 30 -15.82 1.28 11.00
CA HIS A 30 -14.78 0.29 10.73
C HIS A 30 -15.15 -1.13 11.13
N SER A 31 -16.24 -1.32 11.88
CA SER A 31 -16.66 -2.68 12.28
C SER A 31 -17.03 -3.51 11.02
N LYS A 32 -16.61 -4.79 11.00
CA LYS A 32 -16.81 -5.62 9.80
C LYS A 32 -18.26 -6.09 9.67
N GLU A 33 -18.69 -6.42 8.44
CA GLU A 33 -20.05 -6.93 8.19
C GLU A 33 -20.26 -8.19 9.05
N GLY A 34 -21.33 -8.20 9.83
CA GLY A 34 -21.65 -9.29 10.72
C GLY A 34 -21.28 -9.04 12.17
N ASP A 35 -20.63 -7.89 12.44
CA ASP A 35 -20.24 -7.51 13.80
C ASP A 35 -21.25 -6.51 14.39
N PRO A 36 -21.39 -6.38 15.71
CA PRO A 36 -22.44 -5.49 16.25
C PRO A 36 -22.20 -4.03 15.94
N LEU A 37 -23.29 -3.29 15.78
CA LEU A 37 -23.25 -1.86 15.52
C LEU A 37 -22.97 -1.15 16.82
N VAL A 38 -21.86 -0.40 16.85
N VAL A 38 -21.88 -0.37 16.84
CA VAL A 38 -21.45 0.33 18.05
CA VAL A 38 -21.44 0.34 18.04
C VAL A 38 -21.31 1.83 17.75
C VAL A 38 -21.35 1.83 17.74
N PHE A 39 -21.75 2.67 18.70
CA PHE A 39 -21.60 4.13 18.59
C PHE A 39 -21.05 4.70 19.87
N ALA A 40 -20.37 5.85 19.74
CA ALA A 40 -19.82 6.57 20.87
C ALA A 40 -20.55 7.88 21.00
N THR A 41 -20.71 8.36 22.24
CA THR A 41 -21.25 9.70 22.47
C THR A 41 -20.20 10.46 23.26
N VAL A 42 -20.17 11.78 23.08
CA VAL A 42 -19.26 12.65 23.85
C VAL A 42 -20.03 13.87 24.36
N GLY A 43 -19.73 14.25 25.58
CA GLY A 43 -20.31 15.41 26.26
C GLY A 43 -19.81 15.42 27.67
N SER A 44 -19.83 16.60 28.33
CA SER A 44 -19.25 16.75 29.68
C SER A 44 -17.77 16.22 29.60
N ASN A 45 -17.26 15.51 30.62
CA ASN A 45 -15.93 14.90 30.61
C ASN A 45 -16.08 13.39 30.33
N ARG A 46 -17.11 13.05 29.55
CA ARG A 46 -17.48 11.66 29.30
C ARG A 46 -17.40 11.26 27.83
N VAL A 47 -17.11 9.96 27.62
CA VAL A 47 -17.11 9.27 26.31
C VAL A 47 -17.78 7.95 26.64
N THR A 48 -18.90 7.64 26.00
CA THR A 48 -19.64 6.40 26.34
C THR A 48 -19.87 5.60 25.08
N LEU A 49 -19.70 4.26 25.17
CA LEU A 49 -19.93 3.35 24.04
C LEU A 49 -21.19 2.55 24.28
N TYR A 50 -21.97 2.36 23.20
CA TYR A 50 -23.22 1.61 23.21
C TYR A 50 -23.25 0.68 22.04
N GLU A 51 -23.91 -0.44 22.21
CA GLU A 51 -24.10 -1.41 21.16
C GLU A 51 -25.60 -1.46 20.82
N CYS A 52 -25.92 -1.45 19.54
CA CYS A 52 -27.30 -1.55 19.08
C CYS A 52 -27.69 -2.99 18.87
N HIS A 53 -28.76 -3.42 19.52
CA HIS A 53 -29.27 -4.77 19.33
C HIS A 53 -30.71 -4.74 18.78
N SER A 54 -31.26 -5.92 18.45
CA SER A 54 -32.61 -6.04 17.89
C SER A 54 -33.68 -5.46 18.84
N GLN A 55 -34.87 -5.21 18.30
CA GLN A 55 -35.99 -4.63 19.07
C GLN A 55 -35.60 -3.31 19.75
N GLY A 56 -34.74 -2.53 19.08
CA GLY A 56 -34.31 -1.22 19.53
C GLY A 56 -33.42 -1.18 20.76
N GLU A 57 -32.93 -2.35 21.23
CA GLU A 57 -32.08 -2.36 22.43
C GLU A 57 -30.79 -1.52 22.29
N ILE A 58 -30.52 -0.64 23.26
CA ILE A 58 -29.29 0.15 23.31
C ILE A 58 -28.57 -0.38 24.55
N ARG A 59 -27.48 -1.11 24.32
CA ARG A 59 -26.73 -1.75 25.39
C ARG A 59 -25.52 -0.89 25.74
N LEU A 60 -25.46 -0.41 26.99
CA LEU A 60 -24.30 0.36 27.47
C LEU A 60 -23.11 -0.59 27.57
N LEU A 61 -22.00 -0.27 26.87
CA LEU A 61 -20.80 -1.12 26.89
C LEU A 61 -19.84 -0.69 27.96
N GLN A 62 -19.37 0.56 27.89
CA GLN A 62 -18.43 1.10 28.86
C GLN A 62 -18.39 2.61 28.73
N SER A 63 -17.84 3.28 29.76
CA SER A 63 -17.68 4.72 29.76
C SER A 63 -16.31 5.17 30.25
N TYR A 64 -15.75 6.20 29.59
CA TYR A 64 -14.49 6.83 29.94
C TYR A 64 -14.85 8.14 30.63
N VAL A 65 -14.39 8.32 31.86
CA VAL A 65 -14.61 9.54 32.62
C VAL A 65 -13.24 10.18 32.78
N ASP A 66 -13.06 11.39 32.22
CA ASP A 66 -11.78 12.08 32.32
C ASP A 66 -11.54 12.50 33.77
N ALA A 67 -10.30 12.29 34.25
CA ALA A 67 -9.85 12.66 35.60
C ALA A 67 -10.10 14.15 35.86
N ASP A 68 -10.08 14.96 34.79
CA ASP A 68 -10.32 16.39 34.85
C ASP A 68 -11.82 16.62 34.67
N ALA A 69 -12.50 16.97 35.79
CA ALA A 69 -13.95 17.24 35.82
C ALA A 69 -14.34 18.45 34.93
N ASP A 70 -13.38 19.35 34.64
CA ASP A 70 -13.61 20.55 33.85
C ASP A 70 -13.39 20.35 32.37
N GLU A 71 -12.97 19.13 31.96
CA GLU A 71 -12.85 18.83 30.53
C GLU A 71 -14.26 18.76 29.95
N ASN A 72 -14.43 19.24 28.70
CA ASN A 72 -15.69 19.16 28.00
C ASN A 72 -15.45 18.64 26.58
N PHE A 73 -15.73 17.34 26.34
CA PHE A 73 -15.55 16.74 25.02
C PHE A 73 -16.54 17.28 24.02
N TYR A 74 -16.04 17.68 22.86
CA TYR A 74 -16.87 18.25 21.79
C TYR A 74 -17.01 17.35 20.59
N THR A 75 -16.07 16.41 20.42
CA THR A 75 -15.98 15.62 19.20
C THR A 75 -15.31 14.29 19.44
N CYS A 76 -15.58 13.32 18.54
CA CYS A 76 -14.91 12.03 18.58
C CYS A 76 -14.85 11.50 17.16
N ALA A 77 -13.92 10.60 16.90
CA ALA A 77 -13.75 10.00 15.57
C ALA A 77 -13.11 8.61 15.74
N TRP A 78 -13.59 7.64 14.95
CA TRP A 78 -13.07 6.28 14.99
C TRP A 78 -11.97 6.04 13.96
N THR A 79 -11.06 5.15 14.31
CA THR A 79 -10.05 4.65 13.38
C THR A 79 -9.67 3.22 13.82
N TYR A 80 -8.59 2.69 13.28
CA TYR A 80 -8.07 1.38 13.64
C TYR A 80 -6.55 1.43 13.54
N ASP A 81 -5.89 0.51 14.26
CA ASP A 81 -4.43 0.36 14.24
C ASP A 81 -4.06 -0.35 12.92
N SER A 82 -3.25 0.30 12.08
CA SER A 82 -2.81 -0.18 10.77
C SER A 82 -2.00 -1.50 10.79
N ASN A 83 -1.61 -1.99 11.99
CA ASN A 83 -0.82 -3.23 12.11
C ASN A 83 -1.53 -4.39 12.81
N THR A 84 -2.42 -4.08 13.78
CA THR A 84 -3.11 -5.10 14.57
C THR A 84 -4.60 -5.19 14.26
N SER A 85 -5.14 -4.22 13.46
CA SER A 85 -6.55 -4.07 13.06
C SER A 85 -7.45 -3.78 14.29
N HIS A 86 -6.87 -3.36 15.42
CA HIS A 86 -7.58 -3.08 16.67
C HIS A 86 -8.33 -1.75 16.52
N PRO A 87 -9.62 -1.64 16.92
CA PRO A 87 -10.33 -0.33 16.80
C PRO A 87 -9.71 0.72 17.73
N LEU A 88 -9.82 2.00 17.38
CA LEU A 88 -9.30 3.12 18.19
C LEU A 88 -10.33 4.23 18.14
N LEU A 89 -10.37 5.05 19.19
CA LEU A 89 -11.31 6.16 19.25
C LEU A 89 -10.57 7.41 19.72
N ALA A 90 -10.57 8.48 18.90
CA ALA A 90 -9.95 9.76 19.32
C ALA A 90 -11.05 10.67 19.83
N VAL A 91 -10.78 11.40 20.91
CA VAL A 91 -11.75 12.34 21.50
C VAL A 91 -10.99 13.63 21.87
N ALA A 92 -11.71 14.77 21.92
CA ALA A 92 -11.10 16.07 22.27
C ALA A 92 -12.16 17.07 22.54
N GLY A 93 -11.80 18.15 23.21
CA GLY A 93 -12.78 19.19 23.46
C GLY A 93 -12.17 20.47 24.01
N SER A 94 -12.84 21.04 25.04
CA SER A 94 -12.45 22.33 25.65
C SER A 94 -10.99 22.45 26.07
N ARG A 95 -10.41 21.37 26.62
CA ARG A 95 -9.01 21.41 27.09
C ARG A 95 -7.96 21.42 25.96
N GLY A 96 -8.38 21.15 24.73
CA GLY A 96 -7.48 21.10 23.58
C GLY A 96 -6.49 19.95 23.60
N ILE A 97 -6.84 18.87 24.34
CA ILE A 97 -6.01 17.69 24.42
C ILE A 97 -6.67 16.59 23.58
N ILE A 98 -5.90 15.92 22.70
CA ILE A 98 -6.42 14.80 21.92
C ILE A 98 -6.12 13.56 22.73
N ARG A 99 -7.14 12.76 23.00
CA ARG A 99 -6.94 11.48 23.67
C ARG A 99 -7.25 10.34 22.72
N ILE A 100 -6.34 9.38 22.62
CA ILE A 100 -6.55 8.17 21.84
C ILE A 100 -6.94 7.11 22.86
N ILE A 101 -8.18 6.67 22.82
CA ILE A 101 -8.78 5.68 23.73
C ILE A 101 -8.88 4.31 23.04
N ASN A 102 -8.52 3.27 23.79
CA ASN A 102 -8.69 1.89 23.38
C ASN A 102 -10.19 1.61 23.68
N PRO A 103 -11.04 1.38 22.65
CA PRO A 103 -12.49 1.24 22.90
C PRO A 103 -12.91 -0.09 23.52
N ILE A 104 -12.05 -1.10 23.38
CA ILE A 104 -12.27 -2.44 23.93
C ILE A 104 -12.11 -2.38 25.48
N THR A 105 -11.18 -1.55 25.99
CA THR A 105 -10.93 -1.43 27.44
C THR A 105 -11.43 -0.10 28.07
N MET A 106 -11.81 0.90 27.23
CA MET A 106 -12.17 2.29 27.57
C MET A 106 -11.06 2.99 28.39
N GLN A 107 -9.79 2.61 28.14
CA GLN A 107 -8.67 3.28 28.77
C GLN A 107 -7.96 4.11 27.73
N CYS A 108 -7.39 5.24 28.17
CA CYS A 108 -6.64 6.12 27.29
C CYS A 108 -5.25 5.51 27.01
N ILE A 109 -4.88 5.40 25.72
CA ILE A 109 -3.59 4.84 25.27
C ILE A 109 -2.51 5.93 25.38
N LYS A 110 -2.84 7.12 24.86
CA LYS A 110 -1.94 8.26 24.81
C LYS A 110 -2.71 9.52 24.54
N HIS A 111 -2.05 10.66 24.74
CA HIS A 111 -2.67 11.95 24.50
C HIS A 111 -1.73 12.94 23.84
N TYR A 112 -2.29 13.91 23.12
CA TYR A 112 -1.50 14.95 22.46
C TYR A 112 -1.91 16.32 22.95
N VAL A 113 -0.90 17.08 23.39
CA VAL A 113 -1.03 18.50 23.74
C VAL A 113 -0.46 19.19 22.48
N GLY A 114 -0.91 20.39 22.17
CA GLY A 114 -0.38 21.12 21.03
C GLY A 114 -1.16 22.37 20.72
N HIS A 115 -2.47 22.19 20.42
CA HIS A 115 -3.39 23.30 20.14
C HIS A 115 -3.40 24.23 21.33
N GLY A 116 -3.35 25.53 21.04
CA GLY A 116 -3.38 26.57 22.07
C GLY A 116 -4.72 26.69 22.76
N ASN A 117 -5.76 25.99 22.23
CA ASN A 117 -7.09 26.07 22.80
C ASN A 117 -8.00 24.89 22.41
N ALA A 118 -9.29 25.02 22.69
CA ALA A 118 -10.31 24.02 22.46
C ALA A 118 -10.27 23.42 21.07
N ILE A 119 -10.52 22.11 20.98
CA ILE A 119 -10.62 21.39 19.72
C ILE A 119 -12.11 21.17 19.42
N ASN A 120 -12.57 21.71 18.28
CA ASN A 120 -14.00 21.67 17.89
C ASN A 120 -14.39 20.46 17.04
N GLU A 121 -13.44 19.85 16.30
CA GLU A 121 -13.75 18.68 15.51
C GLU A 121 -12.48 17.86 15.22
N LEU A 122 -12.64 16.53 15.18
CA LEU A 122 -11.61 15.55 14.81
C LEU A 122 -12.11 14.77 13.61
N LYS A 123 -11.22 14.48 12.67
CA LYS A 123 -11.55 13.66 11.51
C LYS A 123 -10.38 12.77 11.16
N PHE A 124 -10.64 11.52 10.75
CA PHE A 124 -9.61 10.63 10.27
C PHE A 124 -9.60 10.60 8.76
N HIS A 125 -8.40 10.54 8.18
CA HIS A 125 -8.20 10.42 6.74
C HIS A 125 -8.91 9.14 6.25
N PRO A 126 -9.59 9.18 5.08
CA PRO A 126 -10.36 8.01 4.65
C PRO A 126 -9.55 6.82 4.11
N ARG A 127 -8.22 7.02 3.88
CA ARG A 127 -7.37 5.96 3.32
C ARG A 127 -6.30 5.57 4.29
N ASP A 128 -5.73 6.56 5.00
CA ASP A 128 -4.64 6.30 5.95
C ASP A 128 -5.22 6.43 7.35
N PRO A 129 -5.41 5.33 8.09
CA PRO A 129 -6.05 5.42 9.42
C PRO A 129 -5.23 6.14 10.46
N ASN A 130 -3.95 6.43 10.15
CA ASN A 130 -3.06 7.10 11.11
C ASN A 130 -3.15 8.62 11.06
N LEU A 131 -3.78 9.18 10.00
CA LEU A 131 -3.80 10.63 9.82
C LEU A 131 -5.03 11.27 10.45
N LEU A 132 -4.80 11.97 11.55
CA LEU A 132 -5.85 12.63 12.31
C LEU A 132 -5.80 14.15 12.14
N LEU A 133 -6.93 14.74 11.78
CA LEU A 133 -7.08 16.18 11.60
C LEU A 133 -7.84 16.75 12.78
N SER A 134 -7.30 17.81 13.39
CA SER A 134 -7.99 18.52 14.46
C SER A 134 -8.21 19.97 14.07
N VAL A 135 -9.38 20.54 14.43
CA VAL A 135 -9.69 21.95 14.13
C VAL A 135 -9.92 22.66 15.46
N SER A 136 -9.33 23.84 15.61
CA SER A 136 -9.28 24.47 16.91
C SER A 136 -9.67 25.92 17.01
N LYS A 137 -10.03 26.29 18.25
CA LYS A 137 -10.32 27.64 18.75
C LYS A 137 -9.11 28.58 18.51
N ASP A 138 -7.86 28.05 18.35
CA ASP A 138 -6.66 28.88 18.08
C ASP A 138 -6.55 29.32 16.61
N HIS A 139 -7.61 29.05 15.80
CA HIS A 139 -7.76 29.44 14.38
C HIS A 139 -6.99 28.54 13.40
N ALA A 140 -6.43 27.42 13.89
CA ALA A 140 -5.65 26.56 13.01
C ALA A 140 -6.24 25.16 12.92
N LEU A 141 -5.84 24.43 11.87
CA LEU A 141 -6.11 22.98 11.72
C LEU A 141 -4.75 22.32 11.92
N ARG A 142 -4.73 21.10 12.49
CA ARG A 142 -3.49 20.36 12.68
C ARG A 142 -3.66 18.94 12.16
N LEU A 143 -2.65 18.44 11.43
CA LEU A 143 -2.65 17.07 10.90
C LEU A 143 -1.61 16.31 11.70
N TRP A 144 -2.05 15.22 12.34
CA TRP A 144 -1.20 14.38 13.18
C TRP A 144 -1.05 13.00 12.55
N ASN A 145 0.09 12.38 12.80
CA ASN A 145 0.33 10.99 12.43
C ASN A 145 0.32 10.28 13.78
N ILE A 146 -0.75 9.50 14.06
CA ILE A 146 -0.88 8.87 15.36
C ILE A 146 -0.10 7.55 15.46
N GLN A 147 0.59 7.13 14.39
CA GLN A 147 1.48 5.95 14.46
C GLN A 147 2.82 6.37 15.04
N THR A 148 3.39 7.52 14.54
CA THR A 148 4.69 7.98 14.99
C THR A 148 4.59 9.12 16.00
N ASP A 149 3.35 9.52 16.38
CA ASP A 149 3.12 10.59 17.38
C ASP A 149 3.75 11.92 16.94
N THR A 150 3.55 12.27 15.66
CA THR A 150 4.11 13.48 15.10
C THR A 150 3.04 14.44 14.59
N LEU A 151 3.33 15.73 14.71
CA LEU A 151 2.52 16.78 14.15
C LEU A 151 3.07 17.02 12.72
N VAL A 152 2.34 16.51 11.72
CA VAL A 152 2.71 16.61 10.31
C VAL A 152 2.68 18.05 9.82
N ALA A 153 1.56 18.73 10.07
CA ALA A 153 1.36 20.09 9.59
C ALA A 153 0.40 20.89 10.42
N ILE A 154 0.58 22.22 10.39
CA ILE A 154 -0.34 23.20 10.98
C ILE A 154 -0.81 24.03 9.81
N PHE A 155 -2.13 24.11 9.62
CA PHE A 155 -2.73 24.91 8.56
C PHE A 155 -3.32 26.15 9.24
N GLY A 156 -2.61 27.26 9.12
CA GLY A 156 -3.01 28.52 9.73
C GLY A 156 -1.90 29.52 9.55
N GLY A 157 -2.15 30.76 9.92
CA GLY A 157 -1.14 31.80 9.80
C GLY A 157 -1.59 32.93 8.91
N VAL A 158 -0.68 33.39 8.04
CA VAL A 158 -0.88 34.59 7.22
C VAL A 158 -2.25 34.64 6.53
N GLU A 159 -2.66 33.55 5.86
CA GLU A 159 -3.96 33.53 5.18
C GLU A 159 -4.82 32.38 5.72
N GLY A 160 -4.58 31.98 6.96
CA GLY A 160 -5.39 30.96 7.60
C GLY A 160 -6.65 31.61 8.15
N HIS A 161 -7.47 30.84 8.85
CA HIS A 161 -8.66 31.39 9.47
C HIS A 161 -8.34 32.50 10.49
N ARG A 162 -9.26 33.44 10.64
CA ARG A 162 -9.10 34.59 11.52
C ARG A 162 -9.93 34.48 12.81
N ASP A 163 -10.56 33.33 13.03
CA ASP A 163 -11.35 33.07 14.23
C ASP A 163 -11.43 31.55 14.35
N GLU A 164 -12.08 31.03 15.39
CA GLU A 164 -12.17 29.57 15.61
C GLU A 164 -12.54 28.77 14.41
N VAL A 165 -11.83 27.66 14.21
CA VAL A 165 -12.17 26.73 13.15
C VAL A 165 -13.17 25.76 13.83
N LEU A 166 -14.36 25.64 13.24
CA LEU A 166 -15.46 24.84 13.82
C LEU A 166 -15.64 23.46 13.23
N SER A 167 -15.26 23.28 11.95
CA SER A 167 -15.46 22.02 11.26
C SER A 167 -14.47 21.87 10.11
N ALA A 168 -14.25 20.63 9.68
CA ALA A 168 -13.43 20.32 8.50
C ALA A 168 -13.76 18.94 8.01
N ASP A 169 -13.45 18.68 6.74
CA ASP A 169 -13.74 17.37 6.17
C ASP A 169 -12.71 17.05 5.10
N TYR A 170 -12.31 15.78 5.02
CA TYR A 170 -11.48 15.32 3.92
C TYR A 170 -12.46 14.94 2.80
N ASP A 171 -12.01 14.99 1.55
CA ASP A 171 -12.80 14.50 0.40
C ASP A 171 -12.72 12.95 0.43
N LEU A 172 -13.48 12.28 -0.44
CA LEU A 172 -13.58 10.82 -0.42
C LEU A 172 -12.26 10.11 -0.57
N LEU A 173 -11.35 10.63 -1.40
CA LEU A 173 -10.08 9.95 -1.58
C LEU A 173 -8.96 10.49 -0.67
N GLY A 174 -9.25 11.48 0.15
CA GLY A 174 -8.25 12.04 1.08
C GLY A 174 -7.15 12.83 0.39
N GLU A 175 -7.52 13.58 -0.64
CA GLU A 175 -6.57 14.43 -1.37
C GLU A 175 -6.62 15.86 -0.88
N LYS A 176 -7.72 16.24 -0.22
CA LYS A 176 -7.89 17.63 0.18
C LYS A 176 -8.82 17.77 1.35
N ILE A 177 -8.73 18.94 2.03
CA ILE A 177 -9.56 19.22 3.20
C ILE A 177 -10.27 20.54 2.99
N MET A 178 -11.55 20.62 3.39
CA MET A 178 -12.23 21.92 3.39
C MET A 178 -12.48 22.22 4.85
N SER A 179 -12.10 23.43 5.33
CA SER A 179 -12.34 23.86 6.72
C SER A 179 -13.29 25.03 6.76
N CYS A 180 -13.84 25.31 7.96
CA CYS A 180 -14.76 26.45 8.11
C CYS A 180 -14.85 26.90 9.53
N GLY A 181 -15.27 28.13 9.74
CA GLY A 181 -15.38 28.57 11.11
C GLY A 181 -16.08 29.88 11.35
N MET A 182 -15.74 30.46 12.49
CA MET A 182 -16.33 31.70 13.03
C MET A 182 -16.04 32.95 12.19
N ASP A 183 -15.00 32.90 11.33
CA ASP A 183 -14.70 34.05 10.45
C ASP A 183 -15.60 34.07 9.20
N HIS A 184 -16.62 33.16 9.12
CA HIS A 184 -17.59 33.00 8.02
C HIS A 184 -16.94 32.37 6.78
N SER A 185 -15.66 32.01 6.83
CA SER A 185 -14.99 31.50 5.63
C SER A 185 -14.91 29.99 5.55
N LEU A 186 -14.76 29.47 4.33
CA LEU A 186 -14.51 28.07 3.99
C LEU A 186 -13.22 28.09 3.22
N LYS A 187 -12.24 27.32 3.68
CA LYS A 187 -10.90 27.30 3.08
C LYS A 187 -10.50 25.91 2.66
N LEU A 188 -9.87 25.82 1.48
CA LEU A 188 -9.42 24.55 0.93
C LEU A 188 -7.93 24.34 1.21
N TRP A 189 -7.54 23.14 1.64
CA TRP A 189 -6.12 22.82 1.90
C TRP A 189 -5.85 21.50 1.20
N ARG A 190 -5.09 21.53 0.10
CA ARG A 190 -4.78 20.31 -0.62
C ARG A 190 -3.68 19.57 0.12
N ILE A 191 -3.85 18.27 0.32
CA ILE A 191 -2.84 17.46 0.96
C ILE A 191 -2.21 16.44 -0.01
N ASN A 192 -2.59 16.47 -1.31
CA ASN A 192 -1.94 15.64 -2.33
C ASN A 192 -0.88 16.51 -3.08
N SER A 193 -0.48 17.66 -2.49
CA SER A 193 0.58 18.49 -3.11
C SER A 193 1.88 17.70 -2.88
N LYS A 194 2.89 17.91 -3.75
CA LYS A 194 4.15 17.21 -3.54
C LYS A 194 4.68 17.51 -2.13
N ARG A 195 4.54 18.77 -1.66
CA ARG A 195 4.99 19.19 -0.32
C ARG A 195 4.34 18.36 0.79
N MET A 196 3.01 18.27 0.76
CA MET A 196 2.27 17.54 1.80
C MET A 196 2.47 16.04 1.76
N MET A 197 2.56 15.44 0.56
CA MET A 197 2.80 14.00 0.42
CA MET A 197 2.80 14.00 0.42
C MET A 197 4.17 13.66 1.02
N ASN A 198 5.14 14.52 0.78
CA ASN A 198 6.47 14.31 1.31
C ASN A 198 6.48 14.50 2.86
N ALA A 199 5.75 15.50 3.37
CA ALA A 199 5.68 15.74 4.82
C ALA A 199 5.04 14.55 5.51
N ILE A 200 4.04 13.95 4.86
CA ILE A 200 3.38 12.76 5.40
C ILE A 200 4.38 11.60 5.39
N LYS A 201 5.10 11.41 4.26
CA LYS A 201 6.11 10.34 4.16
C LYS A 201 7.19 10.51 5.24
N GLU A 202 7.66 11.75 5.44
CA GLU A 202 8.68 12.07 6.45
C GLU A 202 8.18 11.79 7.87
N SER A 203 6.88 12.05 8.15
CA SER A 203 6.31 11.78 9.49
C SER A 203 6.44 10.30 9.83
N TYR A 204 6.39 9.42 8.80
CA TYR A 204 6.56 7.97 8.97
C TYR A 204 8.03 7.60 9.23
N ASP A 205 8.99 8.38 8.69
CA ASP A 205 10.42 8.10 8.89
C ASP A 205 10.94 8.56 10.26
N TYR A 206 10.19 9.44 10.97
CA TYR A 206 10.60 9.96 12.28
C TYR A 206 10.69 8.84 13.34
N PHE A 215 10.51 16.37 15.60
CA PHE A 215 10.01 16.44 14.23
C PHE A 215 9.65 17.87 13.83
N ILE A 216 10.02 18.27 12.60
CA ILE A 216 9.69 19.60 12.10
C ILE A 216 8.36 19.55 11.33
N SER A 217 7.34 20.20 11.90
CA SER A 217 6.01 20.27 11.30
CA SER A 217 5.99 20.27 11.31
C SER A 217 5.98 21.29 10.17
N GLN A 218 5.19 21.03 9.14
CA GLN A 218 5.02 21.98 8.05
C GLN A 218 4.12 23.09 8.61
N LYS A 219 4.41 24.37 8.27
CA LYS A 219 3.54 25.49 8.65
C LYS A 219 2.96 26.02 7.33
N ILE A 220 1.70 25.62 7.05
CA ILE A 220 1.00 25.99 5.81
C ILE A 220 0.16 27.23 6.10
N HIS A 221 0.66 28.41 5.70
CA HIS A 221 0.05 29.72 5.89
C HIS A 221 -0.99 30.04 4.82
N PHE A 222 -0.92 29.37 3.66
CA PHE A 222 -1.78 29.73 2.54
C PHE A 222 -2.65 28.60 2.04
N PRO A 223 -3.98 28.80 2.06
CA PRO A 223 -4.90 27.77 1.53
C PRO A 223 -4.94 27.78 0.00
N ASP A 224 -5.49 26.70 -0.59
CA ASP A 224 -5.64 26.53 -2.02
C ASP A 224 -6.89 27.16 -2.60
N PHE A 225 -7.77 27.68 -1.73
CA PHE A 225 -8.99 28.41 -2.11
C PHE A 225 -9.59 28.98 -0.84
N SER A 226 -10.27 30.13 -0.94
CA SER A 226 -10.96 30.65 0.24
C SER A 226 -12.17 31.47 -0.19
N THR A 227 -13.29 31.34 0.53
CA THR A 227 -14.49 32.16 0.22
C THR A 227 -15.14 32.60 1.50
N ARG A 228 -15.76 33.78 1.51
CA ARG A 228 -16.59 34.24 2.63
C ARG A 228 -17.96 34.59 2.01
N ASP A 229 -18.23 34.06 0.80
CA ASP A 229 -19.43 34.42 0.05
C ASP A 229 -20.55 33.37 0.03
N ILE A 230 -20.55 32.41 0.97
CA ILE A 230 -21.60 31.40 1.02
C ILE A 230 -22.60 31.73 2.12
N HIS A 231 -22.10 31.96 3.34
CA HIS A 231 -22.91 32.22 4.53
C HIS A 231 -22.55 33.58 5.07
N ARG A 232 -23.43 34.15 5.91
CA ARG A 232 -23.16 35.48 6.50
C ARG A 232 -23.04 35.39 8.03
N ASN A 233 -22.63 34.22 8.53
CA ASN A 233 -22.47 34.00 9.98
C ASN A 233 -21.53 32.80 10.22
N TYR A 234 -21.36 32.39 11.49
CA TYR A 234 -20.42 31.28 11.81
C TYR A 234 -20.76 30.07 10.96
N VAL A 235 -19.74 29.45 10.32
CA VAL A 235 -19.94 28.25 9.51
C VAL A 235 -19.54 27.09 10.40
N ASP A 236 -20.54 26.34 10.89
CA ASP A 236 -20.30 25.32 11.90
C ASP A 236 -20.29 23.89 11.43
N CYS A 237 -20.45 23.63 10.11
CA CYS A 237 -20.39 22.27 9.61
C CYS A 237 -20.08 22.27 8.13
N VAL A 238 -19.11 21.45 7.72
CA VAL A 238 -18.76 21.35 6.31
C VAL A 238 -18.50 19.91 5.97
N ARG A 239 -18.97 19.46 4.82
CA ARG A 239 -18.72 18.11 4.33
C ARG A 239 -18.60 18.15 2.82
N TRP A 240 -17.72 17.31 2.28
CA TRP A 240 -17.64 17.14 0.83
C TRP A 240 -18.79 16.25 0.36
N LEU A 241 -19.33 16.57 -0.81
CA LEU A 241 -20.34 15.76 -1.49
C LEU A 241 -19.76 15.58 -2.88
N GLY A 242 -18.85 14.60 -3.01
CA GLY A 242 -18.09 14.40 -4.24
C GLY A 242 -17.12 15.55 -4.41
N ASP A 243 -17.25 16.29 -5.53
CA ASP A 243 -16.43 17.49 -5.79
C ASP A 243 -17.12 18.76 -5.27
N LEU A 244 -18.38 18.61 -4.82
CA LEU A 244 -19.18 19.73 -4.30
C LEU A 244 -19.01 19.79 -2.79
N ILE A 245 -19.49 20.89 -2.19
CA ILE A 245 -19.41 21.08 -0.76
C ILE A 245 -20.81 21.30 -0.22
N LEU A 246 -21.07 20.74 0.97
CA LEU A 246 -22.28 21.04 1.73
C LEU A 246 -21.78 21.79 2.96
N SER A 247 -22.36 22.94 3.25
CA SER A 247 -21.98 23.72 4.44
C SER A 247 -23.14 24.44 5.02
N LYS A 248 -23.10 24.70 6.33
CA LYS A 248 -24.21 25.40 6.95
C LYS A 248 -23.69 26.41 7.93
N SER A 249 -24.51 27.41 8.20
CA SER A 249 -24.35 28.41 9.22
C SER A 249 -25.65 28.29 10.06
N CYS A 250 -26.08 29.36 10.70
CA CYS A 250 -27.28 29.34 11.53
C CYS A 250 -28.44 30.04 10.78
N GLU A 251 -28.41 29.98 9.44
CA GLU A 251 -29.36 30.69 8.60
C GLU A 251 -30.48 29.77 8.05
N ASN A 252 -30.71 28.62 8.73
CA ASN A 252 -31.75 27.66 8.41
C ASN A 252 -31.67 27.08 6.98
N ALA A 253 -30.43 26.85 6.53
CA ALA A 253 -30.17 26.19 5.24
C ALA A 253 -28.79 25.56 5.23
N ILE A 254 -28.73 24.42 4.57
CA ILE A 254 -27.47 23.75 4.22
C ILE A 254 -27.26 24.13 2.75
N VAL A 255 -26.13 24.78 2.45
CA VAL A 255 -25.87 25.21 1.07
C VAL A 255 -25.00 24.23 0.35
N CYS A 256 -25.39 23.87 -0.88
CA CYS A 256 -24.56 23.01 -1.74
C CYS A 256 -23.89 23.97 -2.70
N TRP A 257 -22.55 23.94 -2.74
CA TRP A 257 -21.82 24.88 -3.59
C TRP A 257 -20.49 24.29 -4.06
N LYS A 258 -19.83 25.00 -4.97
CA LYS A 258 -18.52 24.63 -5.46
C LYS A 258 -17.64 25.86 -5.70
N PRO A 259 -16.32 25.74 -5.48
CA PRO A 259 -15.42 26.85 -5.83
C PRO A 259 -15.40 27.04 -7.35
N GLY A 260 -15.19 28.30 -7.76
CA GLY A 260 -15.13 28.69 -9.18
C GLY A 260 -16.48 28.81 -9.83
N LYS A 261 -16.47 28.90 -11.16
CA LYS A 261 -17.69 28.99 -11.98
C LYS A 261 -18.30 27.58 -12.14
N MET A 262 -19.53 27.51 -12.66
CA MET A 262 -20.30 26.27 -12.84
C MET A 262 -19.49 25.09 -13.40
N GLU A 263 -18.78 25.29 -14.51
CA GLU A 263 -18.02 24.26 -15.21
C GLU A 263 -16.58 24.08 -14.71
N ASP A 264 -16.17 24.76 -13.63
CA ASP A 264 -14.79 24.68 -13.16
C ASP A 264 -14.44 23.40 -12.40
N ASP A 265 -13.40 22.71 -12.88
CA ASP A 265 -12.86 21.49 -12.28
C ASP A 265 -12.24 21.83 -10.92
N ILE A 266 -12.68 21.16 -9.83
CA ILE A 266 -12.13 21.37 -8.50
C ILE A 266 -10.58 21.27 -8.46
N ASP A 267 -9.97 20.44 -9.33
CA ASP A 267 -8.51 20.25 -9.34
C ASP A 267 -7.78 21.26 -10.22
N LYS A 268 -8.53 22.14 -10.91
CA LYS A 268 -7.94 23.21 -11.72
C LYS A 268 -8.15 24.60 -11.08
N ILE A 269 -8.89 24.65 -9.94
CA ILE A 269 -9.13 25.87 -9.15
C ILE A 269 -7.76 26.43 -8.75
N LYS A 270 -7.52 27.69 -9.04
CA LYS A 270 -6.28 28.37 -8.67
C LYS A 270 -6.49 28.98 -7.25
N PRO A 271 -5.41 29.14 -6.44
CA PRO A 271 -5.60 29.71 -5.09
C PRO A 271 -6.26 31.07 -5.00
N SER A 272 -6.12 31.91 -6.04
CA SER A 272 -6.72 33.24 -6.04
C SER A 272 -8.16 33.25 -6.59
N GLU A 273 -8.75 32.07 -6.91
CA GLU A 273 -10.11 32.00 -7.49
C GLU A 273 -11.12 32.83 -6.67
N SER A 274 -11.75 33.81 -7.33
CA SER A 274 -12.69 34.74 -6.69
C SER A 274 -14.16 34.29 -6.74
N ASN A 275 -14.50 33.33 -7.62
CA ASN A 275 -15.90 32.88 -7.80
C ASN A 275 -16.27 31.64 -7.00
N VAL A 276 -17.57 31.50 -6.76
CA VAL A 276 -18.23 30.37 -6.13
C VAL A 276 -19.52 30.16 -6.92
N THR A 277 -20.00 28.92 -6.98
CA THR A 277 -21.26 28.62 -7.64
C THR A 277 -22.15 27.89 -6.67
N ILE A 278 -23.34 28.42 -6.42
CA ILE A 278 -24.30 27.77 -5.54
C ILE A 278 -25.13 26.80 -6.42
N LEU A 279 -25.24 25.55 -6.00
CA LEU A 279 -26.01 24.55 -6.77
C LEU A 279 -27.40 24.30 -6.21
N GLY A 280 -27.61 24.62 -4.94
CA GLY A 280 -28.91 24.45 -4.28
C GLY A 280 -28.83 24.62 -2.78
N ARG A 281 -29.99 24.62 -2.12
CA ARG A 281 -30.07 24.77 -0.66
C ARG A 281 -31.07 23.79 -0.10
N PHE A 282 -30.75 23.21 1.06
CA PHE A 282 -31.67 22.34 1.79
C PHE A 282 -32.26 23.26 2.87
N ASP A 283 -33.53 23.63 2.72
CA ASP A 283 -34.20 24.56 3.63
C ASP A 283 -34.89 23.85 4.79
N TYR A 284 -34.83 24.46 5.99
CA TYR A 284 -35.46 23.91 7.21
C TYR A 284 -35.82 25.06 8.15
N SER A 285 -36.22 24.74 9.38
CA SER A 285 -36.62 25.81 10.29
C SER A 285 -36.12 25.50 11.68
N GLN A 286 -36.15 26.51 12.57
CA GLN A 286 -35.78 26.38 13.98
C GLN A 286 -34.43 25.72 14.23
N CYS A 287 -33.39 26.15 13.49
CA CYS A 287 -32.02 25.67 13.71
C CYS A 287 -31.10 26.86 13.46
N ASP A 288 -31.41 27.96 14.17
CA ASP A 288 -30.76 29.27 14.03
C ASP A 288 -29.75 29.52 15.15
N ILE A 289 -29.52 28.54 16.03
CA ILE A 289 -28.53 28.66 17.11
C ILE A 289 -27.19 28.12 16.60
N TRP A 290 -26.09 28.60 17.16
CA TRP A 290 -24.80 28.09 16.73
C TRP A 290 -24.50 26.68 17.22
N TYR A 291 -23.62 25.97 16.48
CA TYR A 291 -23.01 24.67 16.83
C TYR A 291 -23.98 23.50 16.71
N MET A 292 -24.46 23.29 15.48
CA MET A 292 -25.39 22.23 15.12
C MET A 292 -24.86 21.53 13.88
N ARG A 293 -24.51 20.24 13.99
CA ARG A 293 -23.95 19.50 12.86
C ARG A 293 -24.96 18.82 12.01
N PHE A 294 -24.65 18.68 10.72
CA PHE A 294 -25.41 17.76 9.88
C PHE A 294 -24.46 16.56 9.60
N SER A 295 -25.03 15.47 9.10
CA SER A 295 -24.30 14.23 8.81
CA SER A 295 -24.23 14.30 8.73
C SER A 295 -24.86 13.55 7.59
N MET A 296 -24.06 12.70 6.96
CA MET A 296 -24.50 11.87 5.87
C MET A 296 -24.23 10.42 6.21
N ASP A 297 -24.88 9.52 5.48
CA ASP A 297 -24.61 8.08 5.65
C ASP A 297 -23.33 7.76 4.82
N PHE A 298 -22.79 6.53 4.93
CA PHE A 298 -21.56 6.15 4.21
C PHE A 298 -21.62 6.36 2.70
N TRP A 299 -22.75 5.98 2.08
CA TRP A 299 -22.92 6.06 0.64
C TRP A 299 -23.35 7.44 0.17
N GLN A 300 -23.52 8.37 1.11
CA GLN A 300 -23.94 9.74 0.84
C GLN A 300 -25.25 9.79 0.04
N LYS A 301 -26.20 8.92 0.45
CA LYS A 301 -27.55 8.83 -0.12
C LYS A 301 -28.54 9.61 0.77
N MET A 302 -28.17 9.79 2.06
CA MET A 302 -29.04 10.51 3.00
C MET A 302 -28.26 11.61 3.72
N LEU A 303 -28.96 12.70 4.00
CA LEU A 303 -28.44 13.86 4.73
C LEU A 303 -29.35 14.05 5.93
N ALA A 304 -28.77 14.21 7.11
CA ALA A 304 -29.54 14.40 8.32
C ALA A 304 -29.08 15.60 9.14
N LEU A 305 -30.04 16.31 9.75
CA LEU A 305 -29.74 17.46 10.60
C LEU A 305 -30.84 17.58 11.67
N GLY A 306 -30.42 17.76 12.90
CA GLY A 306 -31.36 17.98 13.99
C GLY A 306 -31.57 19.47 14.18
N ASN A 307 -32.72 19.84 14.80
CA ASN A 307 -32.95 21.26 15.03
C ASN A 307 -32.99 21.60 16.52
N GLN A 308 -33.19 22.88 16.87
CA GLN A 308 -33.07 23.27 18.27
C GLN A 308 -34.25 22.84 19.16
N VAL A 309 -35.33 22.30 18.56
CA VAL A 309 -36.49 21.86 19.32
C VAL A 309 -36.71 20.34 19.19
N GLY A 310 -35.64 19.63 18.83
CA GLY A 310 -35.69 18.17 18.79
C GLY A 310 -36.26 17.49 17.57
N LYS A 311 -36.45 18.23 16.46
CA LYS A 311 -36.91 17.59 15.21
C LYS A 311 -35.68 17.14 14.44
N LEU A 312 -35.82 16.04 13.74
CA LEU A 312 -34.75 15.47 12.94
C LEU A 312 -35.15 15.44 11.46
N TYR A 313 -34.42 16.16 10.64
CA TYR A 313 -34.70 16.23 9.21
C TYR A 313 -33.81 15.27 8.43
N VAL A 314 -34.40 14.54 7.47
CA VAL A 314 -33.67 13.61 6.63
C VAL A 314 -34.04 13.86 5.15
N TRP A 315 -33.03 14.10 4.28
CA TRP A 315 -33.26 14.31 2.85
C TRP A 315 -32.62 13.18 2.07
N ASP A 316 -33.23 12.86 0.92
CA ASP A 316 -32.71 11.88 0.00
C ASP A 316 -31.82 12.67 -0.97
N LEU A 317 -30.50 12.39 -0.95
CA LEU A 317 -29.53 13.07 -1.82
C LEU A 317 -29.53 12.55 -3.27
N GLU A 318 -30.20 11.42 -3.51
CA GLU A 318 -30.21 10.80 -4.82
C GLU A 318 -31.38 11.25 -5.70
N VAL A 319 -32.10 12.30 -5.29
CA VAL A 319 -33.22 12.86 -6.04
C VAL A 319 -32.91 14.29 -6.53
N GLU A 320 -32.52 15.20 -5.61
CA GLU A 320 -32.26 16.62 -5.87
C GLU A 320 -31.09 16.87 -6.82
N CYS A 327 -38.18 15.83 1.83
CA CYS A 327 -37.64 15.84 3.19
C CYS A 327 -38.56 15.10 4.20
N THR A 328 -38.00 14.16 4.97
CA THR A 328 -38.68 13.42 6.03
C THR A 328 -38.37 14.09 7.38
N THR A 329 -39.43 14.39 8.18
CA THR A 329 -39.26 14.98 9.49
C THR A 329 -39.61 13.96 10.56
N LEU A 330 -38.64 13.67 11.44
CA LEU A 330 -38.75 12.72 12.53
C LEU A 330 -38.94 13.46 13.83
N THR A 331 -40.09 13.20 14.48
CA THR A 331 -40.42 13.83 15.74
C THR A 331 -40.92 12.83 16.74
N HIS A 332 -40.60 13.10 17.99
CA HIS A 332 -41.11 12.34 19.12
C HIS A 332 -41.50 13.40 20.16
N HIS A 333 -42.69 13.24 20.76
CA HIS A 333 -43.21 14.20 21.74
C HIS A 333 -42.27 14.43 22.95
N LYS A 334 -41.43 13.44 23.31
CA LYS A 334 -40.50 13.58 24.45
C LYS A 334 -39.14 14.16 24.03
N CYS A 335 -38.91 14.29 22.74
CA CYS A 335 -37.65 14.83 22.20
C CYS A 335 -37.80 16.31 21.84
N GLY A 336 -37.47 17.19 22.78
CA GLY A 336 -37.62 18.63 22.60
C GLY A 336 -36.36 19.45 22.79
N ALA A 337 -35.22 18.80 23.09
CA ALA A 337 -33.94 19.50 23.27
C ALA A 337 -33.18 19.59 21.93
N ALA A 338 -32.24 20.56 21.81
CA ALA A 338 -31.49 20.74 20.58
C ALA A 338 -30.72 19.47 20.23
N ILE A 339 -30.83 19.00 19.00
CA ILE A 339 -30.08 17.81 18.54
C ILE A 339 -28.75 18.34 18.00
N ARG A 340 -27.66 18.08 18.72
CA ARG A 340 -26.35 18.62 18.34
C ARG A 340 -25.67 17.92 17.18
N GLN A 341 -25.81 16.60 17.14
CA GLN A 341 -25.23 15.80 16.06
C GLN A 341 -26.01 14.51 15.95
N THR A 342 -25.97 13.92 14.75
CA THR A 342 -26.59 12.65 14.47
C THR A 342 -25.51 11.75 13.85
N SER A 343 -25.79 10.45 13.81
CA SER A 343 -24.91 9.49 13.16
C SER A 343 -25.70 8.34 12.60
N PHE A 344 -25.47 8.00 11.32
CA PHE A 344 -26.05 6.80 10.72
C PHE A 344 -25.12 5.61 10.98
N SER A 345 -25.70 4.39 11.14
CA SER A 345 -24.89 3.16 11.17
C SER A 345 -24.33 3.02 9.74
N ARG A 346 -23.28 2.23 9.55
CA ARG A 346 -22.68 2.07 8.22
C ARG A 346 -23.69 1.58 7.15
N ASP A 347 -24.58 0.68 7.51
CA ASP A 347 -25.58 0.13 6.57
C ASP A 347 -26.81 1.05 6.46
N SER A 348 -26.80 2.20 7.18
CA SER A 348 -27.86 3.22 7.23
C SER A 348 -29.19 2.68 7.80
N SER A 349 -29.16 1.55 8.53
CA SER A 349 -30.38 0.97 9.11
C SER A 349 -30.77 1.70 10.38
N ILE A 350 -29.78 2.35 11.05
CA ILE A 350 -30.00 3.06 12.31
C ILE A 350 -29.50 4.48 12.22
N LEU A 351 -30.26 5.40 12.82
CA LEU A 351 -29.91 6.81 12.91
C LEU A 351 -30.01 7.20 14.39
N ILE A 352 -28.91 7.67 14.97
CA ILE A 352 -28.88 8.12 16.39
C ILE A 352 -28.76 9.65 16.45
N ALA A 353 -29.54 10.28 17.34
CA ALA A 353 -29.50 11.71 17.56
C ALA A 353 -29.15 11.94 19.02
N VAL A 354 -28.26 12.92 19.31
CA VAL A 354 -27.87 13.25 20.68
C VAL A 354 -28.22 14.72 20.94
N CYS A 355 -28.58 15.03 22.20
CA CYS A 355 -29.20 16.29 22.58
C CYS A 355 -28.53 17.06 23.66
N ASP A 356 -28.92 18.32 23.76
CA ASP A 356 -28.47 19.26 24.78
C ASP A 356 -28.84 18.84 26.22
N ASP A 357 -29.85 17.95 26.38
CA ASP A 357 -30.26 17.51 27.71
C ASP A 357 -29.68 16.10 28.06
N ALA A 358 -28.59 15.67 27.36
CA ALA A 358 -27.92 14.37 27.56
C ALA A 358 -28.75 13.20 27.04
N SER A 359 -29.83 13.49 26.28
CA SER A 359 -30.64 12.39 25.75
C SER A 359 -30.12 11.88 24.40
N ILE A 360 -30.40 10.60 24.14
CA ILE A 360 -29.94 9.86 22.96
C ILE A 360 -31.20 9.23 22.38
N TRP A 361 -31.37 9.31 21.06
CA TRP A 361 -32.59 8.81 20.40
C TRP A 361 -32.22 7.85 19.30
N ARG A 362 -32.86 6.67 19.27
CA ARG A 362 -32.58 5.69 18.24
C ARG A 362 -33.74 5.59 17.25
N TRP A 363 -33.45 5.85 15.98
CA TRP A 363 -34.41 5.78 14.87
C TRP A 363 -34.00 4.65 13.92
N ASP A 364 -34.89 3.67 13.73
CA ASP A 364 -34.61 2.53 12.85
C ASP A 364 -35.32 2.71 11.54
N ARG A 365 -34.60 2.49 10.42
CA ARG A 365 -35.15 2.65 9.08
C ARG A 365 -36.19 1.57 8.83
N LEU A 366 -37.39 1.96 8.36
CA LEU A 366 -38.48 1.02 8.07
C LEU A 366 -38.32 0.29 6.74
N TYR B 6 21.82 -3.65 -31.49
CA TYR B 6 22.53 -3.67 -30.21
C TYR B 6 23.97 -4.10 -30.40
N SER B 7 24.90 -3.20 -30.06
CA SER B 7 26.35 -3.39 -30.18
C SER B 7 27.04 -3.11 -28.85
N PHE B 8 28.12 -3.86 -28.58
CA PHE B 8 28.90 -3.75 -27.34
C PHE B 8 30.39 -3.91 -27.61
N LYS B 9 31.23 -3.33 -26.74
CA LYS B 9 32.68 -3.40 -26.81
C LYS B 9 33.20 -3.91 -25.47
N CYS B 10 34.19 -4.80 -25.50
CA CYS B 10 34.75 -5.32 -24.25
C CYS B 10 35.77 -4.31 -23.77
N VAL B 11 35.49 -3.69 -22.61
CA VAL B 11 36.35 -2.62 -22.11
C VAL B 11 37.29 -3.02 -20.98
N ASN B 12 36.97 -4.11 -20.30
CA ASN B 12 37.78 -4.56 -19.17
C ASN B 12 37.42 -5.97 -18.77
N SER B 13 38.31 -6.55 -17.97
CA SER B 13 38.14 -7.89 -17.39
C SER B 13 39.08 -8.05 -16.21
N LEU B 14 38.77 -9.01 -15.34
CA LEU B 14 39.61 -9.37 -14.20
C LEU B 14 39.35 -10.83 -13.83
N LYS B 15 40.13 -11.36 -12.88
CA LYS B 15 39.95 -12.72 -12.39
C LYS B 15 39.98 -12.64 -10.87
N GLU B 16 39.04 -13.30 -10.21
CA GLU B 16 39.02 -13.36 -8.73
C GLU B 16 40.09 -14.36 -8.30
N ASP B 17 40.80 -14.06 -7.21
CA ASP B 17 41.97 -14.87 -6.80
C ASP B 17 41.64 -16.28 -6.27
N HIS B 18 40.36 -16.61 -6.01
CA HIS B 18 39.99 -17.95 -5.54
C HIS B 18 40.07 -19.00 -6.70
N ASN B 19 40.06 -18.55 -7.99
CA ASN B 19 40.14 -19.40 -9.20
C ASN B 19 39.00 -20.41 -9.34
N GLN B 20 37.86 -20.20 -8.64
CA GLN B 20 36.72 -21.11 -8.68
C GLN B 20 35.63 -20.55 -9.57
N PRO B 21 34.70 -21.40 -10.07
CA PRO B 21 33.64 -20.87 -10.92
C PRO B 21 32.82 -19.77 -10.27
N LEU B 22 32.45 -18.74 -11.04
CA LEU B 22 31.53 -17.71 -10.58
C LEU B 22 30.19 -18.15 -11.17
N PHE B 23 29.22 -18.46 -10.29
CA PHE B 23 27.93 -18.97 -10.76
C PHE B 23 26.86 -17.92 -10.88
N GLY B 24 27.04 -16.80 -10.22
CA GLY B 24 26.03 -15.76 -10.21
C GLY B 24 26.61 -14.37 -10.29
N VAL B 25 25.86 -13.48 -10.92
CA VAL B 25 26.22 -12.07 -11.00
C VAL B 25 24.93 -11.27 -11.09
N GLN B 26 24.85 -10.13 -10.37
CA GLN B 26 23.66 -9.30 -10.42
C GLN B 26 24.04 -7.86 -10.19
N PHE B 27 23.65 -6.97 -11.11
CA PHE B 27 23.70 -5.56 -10.85
C PHE B 27 22.57 -5.25 -9.86
N ASN B 28 22.78 -4.23 -9.03
CA ASN B 28 21.79 -3.74 -8.08
C ASN B 28 20.84 -2.80 -8.84
N TRP B 29 19.67 -3.29 -9.27
CA TRP B 29 18.69 -2.47 -9.98
C TRP B 29 17.88 -1.54 -9.04
N HIS B 30 18.13 -1.63 -7.72
CA HIS B 30 17.44 -0.75 -6.76
C HIS B 30 18.09 0.61 -6.61
N SER B 31 19.39 0.75 -6.99
CA SER B 31 20.08 2.04 -6.91
C SER B 31 19.37 3.10 -7.76
N LYS B 32 19.29 4.35 -7.27
CA LYS B 32 18.58 5.40 -7.99
C LYS B 32 19.41 5.97 -9.15
N GLU B 33 18.71 6.56 -10.16
CA GLU B 33 19.33 7.16 -11.33
C GLU B 33 20.39 8.15 -10.87
N GLY B 34 21.58 8.04 -11.44
CA GLY B 34 22.71 8.89 -11.09
C GLY B 34 23.66 8.24 -10.10
N ASP B 35 23.18 7.26 -9.30
CA ASP B 35 24.05 6.60 -8.34
C ASP B 35 24.96 5.57 -9.04
N PRO B 36 26.16 5.26 -8.48
CA PRO B 36 27.09 4.37 -9.21
C PRO B 36 26.53 2.98 -9.47
N LEU B 37 26.90 2.40 -10.61
CA LEU B 37 26.43 1.08 -11.01
C LEU B 37 27.23 0.02 -10.27
N VAL B 38 26.55 -0.73 -9.39
CA VAL B 38 27.15 -1.74 -8.53
C VAL B 38 26.69 -3.14 -8.92
N PHE B 39 27.62 -4.10 -8.95
CA PHE B 39 27.26 -5.50 -9.16
C PHE B 39 27.94 -6.42 -8.16
N ALA B 40 27.28 -7.56 -7.86
CA ALA B 40 27.81 -8.57 -6.96
C ALA B 40 28.11 -9.81 -7.79
N THR B 41 29.14 -10.55 -7.42
CA THR B 41 29.44 -11.85 -8.01
C THR B 41 29.45 -12.86 -6.88
N VAL B 42 29.14 -14.12 -7.19
CA VAL B 42 29.17 -15.19 -6.22
C VAL B 42 29.85 -16.41 -6.80
N GLY B 43 30.68 -17.03 -6.00
CA GLY B 43 31.40 -18.24 -6.37
C GLY B 43 32.32 -18.61 -5.23
N SER B 44 32.80 -19.88 -5.18
CA SER B 44 33.60 -20.37 -4.06
C SER B 44 32.75 -20.05 -2.77
N ASN B 45 33.37 -19.67 -1.64
CA ASN B 45 32.66 -19.28 -0.42
C ASN B 45 32.65 -17.75 -0.34
N ARG B 46 32.57 -17.08 -1.49
CA ARG B 46 32.71 -15.63 -1.59
C ARG B 46 31.54 -14.89 -2.22
N VAL B 47 31.35 -13.63 -1.79
CA VAL B 47 30.41 -12.69 -2.38
C VAL B 47 31.25 -11.43 -2.59
N THR B 48 31.34 -10.91 -3.82
CA THR B 48 32.17 -9.72 -4.05
C THR B 48 31.35 -8.60 -4.69
N LEU B 49 31.59 -7.37 -4.24
CA LEU B 49 30.94 -6.18 -4.77
C LEU B 49 31.88 -5.33 -5.56
N TYR B 50 31.41 -4.88 -6.71
CA TYR B 50 32.19 -4.00 -7.59
C TYR B 50 31.38 -2.81 -8.04
N GLU B 51 32.06 -1.73 -8.35
CA GLU B 51 31.46 -0.52 -8.89
C GLU B 51 31.99 -0.30 -10.29
N CYS B 52 31.12 0.05 -11.21
CA CYS B 52 31.52 0.37 -12.58
C CYS B 52 31.77 1.86 -12.71
N HIS B 53 32.99 2.24 -13.15
CA HIS B 53 33.33 3.63 -13.39
C HIS B 53 33.68 3.84 -14.86
N SER B 54 33.90 5.08 -15.24
CA SER B 54 34.21 5.43 -16.62
C SER B 54 35.48 4.74 -17.12
N GLN B 55 35.67 4.75 -18.45
CA GLN B 55 36.83 4.11 -19.08
C GLN B 55 36.94 2.63 -18.66
N GLY B 56 35.81 1.98 -18.55
CA GLY B 56 35.71 0.56 -18.21
C GLY B 56 36.22 0.14 -16.85
N GLU B 57 36.49 1.09 -15.95
CA GLU B 57 37.02 0.74 -14.63
C GLU B 57 36.05 -0.15 -13.84
N ILE B 58 36.56 -1.26 -13.29
CA ILE B 58 35.78 -2.18 -12.45
C ILE B 58 36.43 -2.06 -11.09
N ARG B 59 35.80 -1.29 -10.20
CA ARG B 59 36.37 -0.99 -8.90
C ARG B 59 35.89 -1.97 -7.82
N LEU B 60 36.84 -2.72 -7.21
CA LEU B 60 36.53 -3.65 -6.12
C LEU B 60 36.13 -2.87 -4.87
N LEU B 61 34.92 -3.14 -4.37
CA LEU B 61 34.41 -2.50 -3.17
C LEU B 61 34.77 -3.32 -1.94
N GLN B 62 34.06 -4.43 -1.69
CA GLN B 62 34.28 -5.31 -0.54
C GLN B 62 33.91 -6.74 -0.86
N SER B 63 34.38 -7.67 -0.01
CA SER B 63 34.03 -9.08 -0.17
C SER B 63 33.54 -9.64 1.16
N TYR B 64 32.64 -10.62 1.07
CA TYR B 64 32.12 -11.39 2.20
C TYR B 64 32.67 -12.79 1.99
N VAL B 65 33.58 -13.21 2.89
CA VAL B 65 34.18 -14.54 2.86
C VAL B 65 33.53 -15.34 3.95
N ASP B 66 32.77 -16.40 3.59
CA ASP B 66 32.10 -17.24 4.60
C ASP B 66 33.13 -17.95 5.50
N ALA B 67 32.81 -18.06 6.82
CA ALA B 67 33.67 -18.76 7.80
C ALA B 67 33.78 -20.25 7.42
N ASP B 68 32.75 -20.79 6.74
CA ASP B 68 32.77 -22.16 6.24
C ASP B 68 33.50 -22.12 4.89
N ALA B 69 34.70 -22.72 4.86
CA ALA B 69 35.53 -22.78 3.65
C ALA B 69 34.94 -23.69 2.55
N ASP B 70 34.07 -24.64 2.94
CA ASP B 70 33.42 -25.57 2.02
C ASP B 70 32.02 -25.10 1.55
N GLU B 71 31.61 -23.88 1.94
CA GLU B 71 30.37 -23.30 1.40
C GLU B 71 30.68 -22.94 -0.07
N ASN B 72 29.68 -23.06 -0.93
CA ASN B 72 29.81 -22.66 -2.32
C ASN B 72 28.58 -21.86 -2.72
N PHE B 73 28.73 -20.52 -2.83
CA PHE B 73 27.56 -19.71 -3.21
C PHE B 73 27.19 -19.92 -4.66
N TYR B 74 25.89 -20.07 -4.91
CA TYR B 74 25.38 -20.32 -6.25
C TYR B 74 24.56 -19.18 -6.82
N THR B 75 24.04 -18.32 -5.96
CA THR B 75 23.10 -17.31 -6.39
C THR B 75 23.08 -16.12 -5.46
N CYS B 76 22.63 -14.98 -5.98
CA CYS B 76 22.44 -13.78 -5.16
C CYS B 76 21.31 -12.97 -5.73
N ALA B 77 20.69 -12.12 -4.90
CA ALA B 77 19.62 -11.25 -5.35
C ALA B 77 19.57 -10.05 -4.46
N TRP B 78 19.35 -8.88 -5.09
CA TRP B 78 19.25 -7.61 -4.38
C TRP B 78 17.85 -7.25 -3.90
N THR B 79 17.81 -6.57 -2.78
CA THR B 79 16.59 -5.99 -2.25
C THR B 79 16.94 -4.71 -1.49
N TYR B 80 15.97 -4.19 -0.74
CA TYR B 80 16.19 -3.04 0.11
C TYR B 80 15.34 -3.21 1.34
N ASP B 81 15.74 -2.51 2.41
CA ASP B 81 14.98 -2.50 3.66
C ASP B 81 13.85 -1.50 3.45
N SER B 82 12.58 -1.98 3.48
CA SER B 82 11.38 -1.17 3.26
C SER B 82 11.18 -0.01 4.25
N ASN B 83 11.82 -0.06 5.43
CA ASN B 83 11.71 1.00 6.46
C ASN B 83 12.82 2.06 6.42
N THR B 84 14.05 1.68 6.06
CA THR B 84 15.23 2.57 6.06
C THR B 84 15.74 2.93 4.66
N SER B 85 15.23 2.26 3.60
CA SER B 85 15.64 2.44 2.20
C SER B 85 17.13 2.05 1.97
N HIS B 86 17.68 1.21 2.86
CA HIS B 86 19.05 0.71 2.84
C HIS B 86 19.15 -0.50 1.87
N PRO B 87 20.21 -0.66 1.04
CA PRO B 87 20.29 -1.83 0.16
C PRO B 87 20.62 -3.10 0.93
N LEU B 88 20.15 -4.24 0.44
CA LEU B 88 20.39 -5.55 1.03
C LEU B 88 20.72 -6.53 -0.05
N LEU B 89 21.54 -7.53 0.28
CA LEU B 89 21.91 -8.56 -0.68
C LEU B 89 21.70 -9.95 -0.08
N ALA B 90 20.91 -10.80 -0.76
CA ALA B 90 20.68 -12.16 -0.28
C ALA B 90 21.57 -13.09 -1.10
N VAL B 91 22.20 -14.03 -0.42
CA VAL B 91 23.07 -15.03 -1.08
C VAL B 91 22.77 -16.42 -0.50
N ALA B 92 23.09 -17.47 -1.26
CA ALA B 92 22.91 -18.85 -0.81
C ALA B 92 23.59 -19.79 -1.79
N GLY B 93 23.79 -21.04 -1.37
CA GLY B 93 24.44 -22.02 -2.22
C GLY B 93 24.37 -23.43 -1.67
N SER B 94 25.49 -24.17 -1.74
CA SER B 94 25.57 -25.57 -1.36
C SER B 94 25.10 -25.90 0.04
N ARG B 95 25.40 -25.05 1.04
CA ARG B 95 25.01 -25.34 2.43
C ARG B 95 23.50 -25.20 2.70
N GLY B 96 22.76 -24.57 1.77
CA GLY B 96 21.31 -24.38 1.91
C GLY B 96 20.92 -23.37 2.98
N ILE B 97 21.81 -22.40 3.23
CA ILE B 97 21.59 -21.32 4.19
C ILE B 97 21.45 -20.02 3.41
N ILE B 98 20.36 -19.29 3.66
CA ILE B 98 20.17 -17.99 3.03
C ILE B 98 20.83 -16.97 3.97
N ARG B 99 21.67 -16.09 3.43
CA ARG B 99 22.33 -15.05 4.23
C ARG B 99 21.88 -13.69 3.68
N ILE B 100 21.40 -12.83 4.57
CA ILE B 100 21.03 -11.46 4.22
C ILE B 100 22.23 -10.62 4.64
N ILE B 101 22.91 -10.04 3.66
CA ILE B 101 24.13 -9.25 3.90
C ILE B 101 23.88 -7.74 3.76
N ASN B 102 24.48 -6.93 4.64
CA ASN B 102 24.43 -5.48 4.49
C ASN B 102 25.58 -5.21 3.47
N PRO B 103 25.27 -4.76 2.23
CA PRO B 103 26.34 -4.56 1.24
C PRO B 103 27.36 -3.46 1.54
N ILE B 104 27.02 -2.56 2.47
CA ILE B 104 27.93 -1.47 2.82
C ILE B 104 29.11 -1.98 3.70
N THR B 105 28.86 -2.97 4.57
CA THR B 105 29.83 -3.50 5.54
C THR B 105 30.25 -4.94 5.26
N MET B 106 29.43 -5.66 4.48
CA MET B 106 29.56 -7.09 4.17
C MET B 106 29.30 -7.94 5.40
N GLN B 107 28.59 -7.38 6.42
CA GLN B 107 28.17 -8.14 7.58
C GLN B 107 26.94 -8.94 7.20
N CYS B 108 26.89 -10.19 7.65
CA CYS B 108 25.70 -11.00 7.47
C CYS B 108 24.78 -10.59 8.63
N ILE B 109 23.67 -9.90 8.30
CA ILE B 109 22.69 -9.36 9.28
C ILE B 109 21.87 -10.49 9.90
N LYS B 110 21.45 -11.41 9.05
CA LYS B 110 20.65 -12.55 9.44
C LYS B 110 20.76 -13.70 8.46
N HIS B 111 20.34 -14.90 8.89
CA HIS B 111 20.40 -16.08 8.05
C HIS B 111 19.20 -17.01 8.26
N TYR B 112 18.81 -17.77 7.22
CA TYR B 112 17.69 -18.72 7.28
C TYR B 112 18.16 -20.11 6.94
N VAL B 113 17.89 -21.05 7.85
CA VAL B 113 18.15 -22.48 7.68
C VAL B 113 16.73 -23.06 7.43
N GLY B 114 16.64 -24.18 6.72
CA GLY B 114 15.36 -24.82 6.51
C GLY B 114 15.29 -25.81 5.37
N HIS B 115 15.83 -25.42 4.20
CA HIS B 115 15.82 -26.26 3.01
C HIS B 115 16.43 -27.65 3.22
N GLY B 116 17.51 -27.73 3.98
CA GLY B 116 18.11 -29.04 4.23
C GLY B 116 18.98 -29.53 3.09
N ASN B 117 19.02 -28.77 1.97
CA ASN B 117 19.89 -29.04 0.85
C ASN B 117 20.20 -27.75 0.10
N ALA B 118 21.10 -27.83 -0.87
CA ALA B 118 21.59 -26.69 -1.66
C ALA B 118 20.50 -25.79 -2.20
N ILE B 119 20.76 -24.49 -2.19
CA ILE B 119 19.89 -23.50 -2.80
C ILE B 119 20.46 -23.11 -4.16
N ASN B 120 19.66 -23.31 -5.20
CA ASN B 120 20.10 -23.05 -6.58
C ASN B 120 19.82 -21.66 -7.11
N GLU B 121 18.77 -21.00 -6.62
CA GLU B 121 18.44 -19.65 -7.06
C GLU B 121 17.63 -18.94 -6.00
N LEU B 122 17.83 -17.62 -5.91
CA LEU B 122 17.06 -16.72 -5.06
C LEU B 122 16.45 -15.65 -5.96
N LYS B 123 15.21 -15.25 -5.67
CA LYS B 123 14.55 -14.14 -6.38
C LYS B 123 13.72 -13.33 -5.41
N PHE B 124 13.74 -12.01 -5.56
CA PHE B 124 12.89 -11.16 -4.74
C PHE B 124 11.67 -10.79 -5.53
N HIS B 125 10.54 -10.72 -4.83
CA HIS B 125 9.26 -10.33 -5.39
C HIS B 125 9.41 -8.89 -5.97
N PRO B 126 8.82 -8.63 -7.17
CA PRO B 126 9.05 -7.32 -7.83
C PRO B 126 8.38 -6.10 -7.20
N ARG B 127 7.43 -6.32 -6.31
CA ARG B 127 6.70 -5.22 -5.67
C ARG B 127 6.90 -5.20 -4.16
N ASP B 128 7.12 -6.37 -3.53
CA ASP B 128 7.33 -6.42 -2.08
C ASP B 128 8.78 -6.85 -1.82
N PRO B 129 9.63 -5.90 -1.34
CA PRO B 129 11.05 -6.23 -1.13
C PRO B 129 11.34 -7.25 -0.05
N ASN B 130 10.32 -7.58 0.77
CA ASN B 130 10.48 -8.53 1.84
C ASN B 130 10.24 -9.97 1.45
N LEU B 131 9.66 -10.19 0.25
CA LEU B 131 9.28 -11.54 -0.14
C LEU B 131 10.38 -12.20 -0.96
N LEU B 132 11.05 -13.16 -0.32
CA LEU B 132 12.18 -13.85 -0.97
C LEU B 132 11.86 -15.30 -1.30
N LEU B 133 12.09 -15.68 -2.57
CA LEU B 133 11.84 -17.02 -3.07
C LEU B 133 13.19 -17.74 -3.19
N SER B 134 13.23 -18.93 -2.63
CA SER B 134 14.41 -19.78 -2.76
C SER B 134 14.01 -21.08 -3.43
N VAL B 135 14.89 -21.65 -4.26
CA VAL B 135 14.62 -22.93 -4.95
C VAL B 135 15.73 -23.87 -4.60
N SER B 136 15.39 -25.13 -4.30
CA SER B 136 16.40 -26.00 -3.74
C SER B 136 16.56 -27.40 -4.33
N LYS B 137 17.72 -27.98 -3.98
CA LYS B 137 18.10 -29.37 -4.23
C LYS B 137 17.11 -30.35 -3.53
N ASP B 138 16.36 -29.90 -2.50
CA ASP B 138 15.38 -30.71 -1.76
C ASP B 138 14.03 -30.88 -2.53
N HIS B 139 13.97 -30.38 -3.80
CA HIS B 139 12.82 -30.47 -4.71
C HIS B 139 11.74 -29.47 -4.41
N ALA B 140 11.99 -28.52 -3.48
CA ALA B 140 10.96 -27.53 -3.13
C ALA B 140 11.39 -26.09 -3.38
N LEU B 141 10.37 -25.21 -3.44
CA LEU B 141 10.58 -23.76 -3.48
C LEU B 141 10.07 -23.30 -2.13
N ARG B 142 10.64 -22.21 -1.62
CA ARG B 142 10.21 -21.65 -0.33
C ARG B 142 10.06 -20.15 -0.50
N LEU B 143 9.01 -19.57 0.14
CA LEU B 143 8.76 -18.15 0.10
C LEU B 143 8.91 -17.66 1.53
N TRP B 144 9.81 -16.72 1.73
CA TRP B 144 10.14 -16.16 3.03
C TRP B 144 9.73 -14.69 3.13
N ASN B 145 9.34 -14.26 4.33
CA ASN B 145 9.07 -12.85 4.58
C ASN B 145 10.27 -12.44 5.42
N ILE B 146 11.21 -11.67 4.85
CA ILE B 146 12.43 -11.31 5.58
C ILE B 146 12.21 -10.12 6.55
N GLN B 147 11.00 -9.55 6.62
CA GLN B 147 10.73 -8.50 7.60
C GLN B 147 10.40 -9.17 8.96
N THR B 148 9.59 -10.24 8.93
CA THR B 148 9.16 -10.93 10.13
C THR B 148 9.91 -12.25 10.37
N ASP B 149 10.87 -12.60 9.46
CA ASP B 149 11.68 -13.83 9.54
C ASP B 149 10.79 -15.08 9.57
N THR B 150 9.78 -15.10 8.69
CA THR B 150 8.85 -16.20 8.62
C THR B 150 8.96 -16.91 7.30
N LEU B 151 8.65 -18.19 7.33
CA LEU B 151 8.61 -18.99 6.11
C LEU B 151 7.10 -18.97 5.77
N VAL B 152 6.72 -18.24 4.73
CA VAL B 152 5.32 -18.08 4.33
C VAL B 152 4.75 -19.39 3.79
N ALA B 153 5.52 -20.03 2.90
CA ALA B 153 5.04 -21.23 2.20
C ALA B 153 6.18 -22.07 1.65
N ILE B 154 5.88 -23.35 1.47
CA ILE B 154 6.74 -24.35 0.85
C ILE B 154 5.94 -24.87 -0.34
N PHE B 155 6.51 -24.77 -1.53
CA PHE B 155 5.88 -25.26 -2.74
C PHE B 155 6.57 -26.55 -3.12
N GLY B 156 5.89 -27.67 -2.83
CA GLY B 156 6.46 -28.99 -3.08
C GLY B 156 5.60 -30.04 -2.42
N GLY B 157 5.90 -31.28 -2.73
CA GLY B 157 5.14 -32.40 -2.18
C GLY B 157 4.53 -33.26 -3.26
N VAL B 158 3.27 -33.69 -3.05
CA VAL B 158 2.56 -34.64 -3.92
C VAL B 158 2.77 -34.35 -5.42
N GLU B 159 2.48 -33.11 -5.85
CA GLU B 159 2.66 -32.74 -7.25
C GLU B 159 3.74 -31.68 -7.43
N GLY B 160 4.66 -31.59 -6.48
CA GLY B 160 5.79 -30.67 -6.60
C GLY B 160 6.86 -31.33 -7.47
N HIS B 161 7.98 -30.63 -7.66
CA HIS B 161 9.11 -31.17 -8.43
C HIS B 161 9.57 -32.52 -7.83
N ARG B 162 10.09 -33.41 -8.67
CA ARG B 162 10.55 -34.74 -8.24
C ARG B 162 12.06 -34.85 -8.25
N ASP B 163 12.73 -33.73 -8.50
CA ASP B 163 14.18 -33.61 -8.48
C ASP B 163 14.50 -32.14 -8.19
N GLU B 164 15.80 -31.82 -8.09
CA GLU B 164 16.26 -30.46 -7.80
C GLU B 164 15.53 -29.39 -8.57
N VAL B 165 15.15 -28.36 -7.86
CA VAL B 165 14.59 -27.18 -8.51
C VAL B 165 15.81 -26.30 -8.82
N LEU B 166 15.98 -25.91 -10.09
CA LEU B 166 17.15 -25.14 -10.54
C LEU B 166 16.92 -23.66 -10.73
N SER B 167 15.68 -23.25 -11.05
CA SER B 167 15.40 -21.84 -11.34
C SER B 167 13.93 -21.55 -11.11
N ALA B 168 13.63 -20.28 -10.87
CA ALA B 168 12.26 -19.83 -10.77
C ALA B 168 12.22 -18.34 -11.04
N ASP B 169 11.04 -17.84 -11.36
CA ASP B 169 10.89 -16.43 -11.63
C ASP B 169 9.51 -15.96 -11.29
N TYR B 170 9.39 -14.77 -10.71
CA TYR B 170 8.08 -14.16 -10.51
C TYR B 170 7.74 -13.48 -11.84
N ASP B 171 6.44 -13.31 -12.13
CA ASP B 171 6.00 -12.53 -13.29
C ASP B 171 6.19 -11.04 -12.94
N LEU B 172 5.96 -10.13 -13.91
CA LEU B 172 6.22 -8.71 -13.70
C LEU B 172 5.50 -8.12 -12.51
N LEU B 173 4.22 -8.47 -12.32
CA LEU B 173 3.41 -7.91 -11.24
C LEU B 173 3.51 -8.68 -9.90
N GLY B 174 4.20 -9.82 -9.90
CA GLY B 174 4.37 -10.63 -8.68
C GLY B 174 3.11 -11.35 -8.25
N GLU B 175 2.33 -11.83 -9.22
CA GLU B 175 1.11 -12.61 -8.93
C GLU B 175 1.35 -14.12 -9.04
N LYS B 176 2.43 -14.53 -9.72
CA LYS B 176 2.67 -15.96 -9.93
C LYS B 176 4.15 -16.25 -10.16
N ILE B 177 4.54 -17.49 -9.95
CA ILE B 177 5.90 -17.98 -10.08
C ILE B 177 5.93 -19.14 -11.05
N MET B 178 6.94 -19.17 -11.95
CA MET B 178 7.15 -20.38 -12.73
C MET B 178 8.49 -20.99 -12.21
N SER B 179 8.53 -22.29 -11.97
CA SER B 179 9.76 -22.95 -11.51
C SER B 179 10.15 -24.03 -12.49
N CYS B 180 11.42 -24.47 -12.44
CA CYS B 180 11.81 -25.56 -13.33
C CYS B 180 12.98 -26.33 -12.73
N GLY B 181 13.24 -27.52 -13.22
CA GLY B 181 14.38 -28.21 -12.67
C GLY B 181 14.80 -29.49 -13.34
N MET B 182 15.51 -30.30 -12.56
CA MET B 182 16.11 -31.54 -13.04
C MET B 182 15.12 -32.63 -13.46
N ASP B 183 13.83 -32.50 -13.06
CA ASP B 183 12.81 -33.47 -13.44
C ASP B 183 12.23 -33.17 -14.84
N HIS B 184 12.84 -32.18 -15.55
CA HIS B 184 12.45 -31.72 -16.90
C HIS B 184 11.15 -30.91 -16.87
N SER B 185 10.57 -30.68 -15.69
CA SER B 185 9.29 -30.01 -15.69
C SER B 185 9.37 -28.54 -15.33
N LEU B 186 8.34 -27.82 -15.80
CA LEU B 186 8.11 -26.41 -15.49
C LEU B 186 6.76 -26.37 -14.76
N LYS B 187 6.70 -25.76 -13.56
CA LYS B 187 5.49 -25.68 -12.75
C LYS B 187 5.14 -24.26 -12.38
N LEU B 188 3.83 -23.93 -12.47
CA LEU B 188 3.28 -22.63 -12.15
C LEU B 188 2.74 -22.65 -10.73
N TRP B 189 3.04 -21.61 -9.96
CA TRP B 189 2.53 -21.50 -8.60
C TRP B 189 1.95 -20.10 -8.44
N ARG B 190 0.62 -19.98 -8.37
CA ARG B 190 0.01 -18.67 -8.21
C ARG B 190 0.14 -18.19 -6.77
N ILE B 191 0.55 -16.93 -6.60
CA ILE B 191 0.67 -16.35 -5.26
C ILE B 191 -0.40 -15.24 -5.04
N ASN B 192 -1.30 -15.03 -6.02
CA ASN B 192 -2.43 -14.10 -5.92
C ASN B 192 -3.74 -14.87 -5.63
N SER B 193 -3.65 -16.15 -5.23
CA SER B 193 -4.81 -16.91 -4.82
C SER B 193 -5.25 -16.33 -3.47
N LYS B 194 -6.52 -16.54 -3.09
CA LYS B 194 -6.99 -16.08 -1.80
C LYS B 194 -6.16 -16.71 -0.67
N ARG B 195 -5.79 -17.99 -0.81
CA ARG B 195 -4.98 -18.70 0.18
C ARG B 195 -3.61 -18.04 0.38
N MET B 196 -2.90 -17.78 -0.73
CA MET B 196 -1.56 -17.20 -0.67
C MET B 196 -1.54 -15.75 -0.23
N MET B 197 -2.50 -14.94 -0.68
CA MET B 197 -2.62 -13.55 -0.25
C MET B 197 -2.88 -13.52 1.25
N ASN B 198 -3.71 -14.46 1.74
CA ASN B 198 -3.96 -14.52 3.18
C ASN B 198 -2.70 -14.97 3.93
N ALA B 199 -1.97 -15.98 3.40
CA ALA B 199 -0.73 -16.47 4.02
C ALA B 199 0.30 -15.33 4.14
N ILE B 200 0.44 -14.53 3.07
CA ILE B 200 1.34 -13.36 3.05
C ILE B 200 0.93 -12.36 4.14
N LYS B 201 -0.37 -12.04 4.24
CA LYS B 201 -0.93 -11.15 5.23
C LYS B 201 -0.63 -11.68 6.63
N GLU B 202 -0.86 -12.99 6.86
CA GLU B 202 -0.59 -13.59 8.18
C GLU B 202 0.91 -13.53 8.53
N SER B 203 1.79 -13.68 7.52
CA SER B 203 3.23 -13.58 7.79
C SER B 203 3.63 -12.20 8.33
N TYR B 204 2.92 -11.14 7.89
CA TYR B 204 3.16 -9.76 8.34
C TYR B 204 2.56 -9.51 9.69
N ASP B 205 1.45 -10.18 10.00
CA ASP B 205 0.76 -10.04 11.29
C ASP B 205 1.47 -10.78 12.40
N TYR B 206 2.38 -11.72 12.05
CA TYR B 206 3.09 -12.54 13.03
C TYR B 206 3.94 -11.74 14.00
N ASN B 207 3.84 -12.09 15.31
CA ASN B 207 4.59 -11.48 16.41
C ASN B 207 6.12 -11.73 16.30
N PRO B 214 4.54 -20.66 17.43
CA PRO B 214 5.27 -20.57 16.14
C PRO B 214 4.36 -20.28 14.95
N PHE B 215 4.93 -19.60 13.92
CA PHE B 215 4.21 -19.26 12.70
C PHE B 215 4.02 -20.53 11.86
N ILE B 216 2.81 -20.72 11.31
CA ILE B 216 2.48 -21.91 10.52
C ILE B 216 2.60 -21.60 9.04
N SER B 217 3.53 -22.30 8.39
CA SER B 217 3.81 -22.17 6.97
CA SER B 217 3.82 -22.18 6.96
C SER B 217 2.81 -22.95 6.14
N GLN B 218 2.43 -22.40 4.95
CA GLN B 218 1.52 -23.13 4.04
C GLN B 218 2.37 -24.21 3.38
N LYS B 219 1.81 -25.39 3.17
CA LYS B 219 2.49 -26.46 2.42
C LYS B 219 1.61 -26.64 1.18
N ILE B 220 2.08 -26.12 0.04
CA ILE B 220 1.37 -26.14 -1.26
C ILE B 220 1.91 -27.32 -2.04
N HIS B 221 1.14 -28.42 -2.07
CA HIS B 221 1.52 -29.66 -2.73
C HIS B 221 1.22 -29.66 -4.20
N PHE B 222 0.32 -28.78 -4.64
CA PHE B 222 -0.21 -28.82 -6.01
C PHE B 222 0.01 -27.50 -6.77
N PRO B 223 0.70 -27.59 -7.93
CA PRO B 223 0.91 -26.37 -8.73
C PRO B 223 -0.34 -26.04 -9.55
N ASP B 224 -0.41 -24.79 -10.05
CA ASP B 224 -1.51 -24.32 -10.87
C ASP B 224 -1.38 -24.68 -12.35
N PHE B 225 -0.25 -25.31 -12.72
CA PHE B 225 0.02 -25.85 -14.06
C PHE B 225 1.31 -26.62 -14.00
N SER B 226 1.46 -27.63 -14.87
CA SER B 226 2.72 -28.40 -14.95
C SER B 226 2.89 -28.96 -16.33
N THR B 227 4.14 -28.93 -16.83
CA THR B 227 4.49 -29.51 -18.13
C THR B 227 5.87 -30.12 -18.10
N ARG B 228 6.03 -31.20 -18.83
CA ARG B 228 7.31 -31.88 -19.10
C ARG B 228 7.44 -31.96 -20.63
N ASP B 229 6.67 -31.15 -21.39
CA ASP B 229 6.66 -31.22 -22.85
C ASP B 229 7.41 -30.08 -23.56
N ILE B 230 8.32 -29.38 -22.86
CA ILE B 230 9.06 -28.33 -23.52
C ILE B 230 10.47 -28.76 -23.88
N HIS B 231 11.17 -29.35 -22.91
CA HIS B 231 12.57 -29.79 -22.99
C HIS B 231 12.67 -31.27 -22.67
N ARG B 232 13.79 -31.88 -23.04
CA ARG B 232 14.01 -33.31 -22.81
C ARG B 232 15.24 -33.52 -21.91
N ASN B 233 15.55 -32.53 -21.08
CA ASN B 233 16.69 -32.61 -20.17
C ASN B 233 16.46 -31.61 -19.03
N TYR B 234 17.43 -31.47 -18.10
CA TYR B 234 17.34 -30.56 -16.96
C TYR B 234 16.97 -29.16 -17.45
N VAL B 235 15.98 -28.55 -16.82
CA VAL B 235 15.60 -27.20 -17.21
C VAL B 235 16.29 -26.29 -16.17
N ASP B 236 17.32 -25.56 -16.63
CA ASP B 236 18.17 -24.85 -15.69
C ASP B 236 17.98 -23.34 -15.63
N CYS B 237 17.02 -22.79 -16.37
CA CYS B 237 16.74 -21.37 -16.36
C CYS B 237 15.34 -21.12 -16.89
N VAL B 238 14.54 -20.37 -16.16
CA VAL B 238 13.19 -19.95 -16.56
C VAL B 238 12.98 -18.49 -16.24
N ARG B 239 12.36 -17.75 -17.17
CA ARG B 239 11.96 -16.38 -16.92
C ARG B 239 10.63 -16.13 -17.63
N TRP B 240 9.78 -15.29 -17.02
CA TRP B 240 8.55 -14.82 -17.67
C TRP B 240 8.92 -13.76 -18.73
N LEU B 241 8.21 -13.78 -19.87
CA LEU B 241 8.31 -12.74 -20.89
C LEU B 241 6.84 -12.30 -21.09
N GLY B 242 6.38 -11.37 -20.24
CA GLY B 242 4.97 -10.97 -20.22
C GLY B 242 4.19 -12.15 -19.69
N ASP B 243 3.22 -12.65 -20.49
CA ASP B 243 2.43 -13.85 -20.11
C ASP B 243 3.08 -15.12 -20.68
N LEU B 244 4.12 -14.95 -21.51
CA LEU B 244 4.84 -16.08 -22.12
C LEU B 244 5.99 -16.48 -21.20
N ILE B 245 6.59 -17.63 -21.51
CA ILE B 245 7.72 -18.17 -20.76
C ILE B 245 8.90 -18.39 -21.70
N LEU B 246 10.09 -18.07 -21.20
CA LEU B 246 11.35 -18.43 -21.83
C LEU B 246 12.00 -19.44 -20.92
N SER B 247 12.42 -20.58 -21.45
CA SER B 247 13.14 -21.55 -20.60
C SER B 247 14.17 -22.29 -21.42
N LYS B 248 15.20 -22.79 -20.77
CA LYS B 248 16.19 -23.53 -21.55
C LYS B 248 16.62 -24.74 -20.80
N SER B 249 17.19 -25.66 -21.55
CA SER B 249 17.84 -26.84 -21.06
C SER B 249 19.27 -26.80 -21.66
N CYS B 250 19.89 -27.94 -21.87
CA CYS B 250 21.25 -27.98 -22.42
C CYS B 250 21.17 -28.42 -23.88
N GLU B 251 20.06 -28.07 -24.55
CA GLU B 251 19.79 -28.49 -25.93
C GLU B 251 20.01 -27.37 -26.97
N ASN B 252 20.81 -26.36 -26.60
CA ASN B 252 21.23 -25.24 -27.46
C ASN B 252 20.08 -24.39 -27.99
N ALA B 253 19.03 -24.24 -27.17
CA ALA B 253 17.92 -23.38 -27.51
C ALA B 253 17.24 -22.85 -26.27
N ILE B 254 16.81 -21.59 -26.34
CA ILE B 254 15.91 -21.00 -25.36
C ILE B 254 14.55 -21.12 -26.06
N VAL B 255 13.60 -21.82 -25.43
CA VAL B 255 12.27 -22.02 -26.01
C VAL B 255 11.32 -20.98 -25.43
N CYS B 256 10.53 -20.34 -26.33
CA CYS B 256 9.47 -19.41 -25.93
C CYS B 256 8.17 -20.17 -26.07
N TRP B 257 7.43 -20.30 -24.96
CA TRP B 257 6.22 -21.10 -24.95
C TRP B 257 5.21 -20.54 -23.97
N LYS B 258 3.99 -21.12 -24.01
CA LYS B 258 2.95 -20.73 -23.06
C LYS B 258 2.09 -21.93 -22.63
N PRO B 259 1.55 -21.92 -21.40
CA PRO B 259 0.60 -22.98 -21.01
C PRO B 259 -0.65 -22.87 -21.89
N GLY B 260 -1.28 -24.02 -22.16
CA GLY B 260 -2.51 -24.09 -22.93
C GLY B 260 -2.31 -23.93 -24.42
N LYS B 261 -3.42 -23.64 -25.11
CA LYS B 261 -3.49 -23.43 -26.54
C LYS B 261 -3.08 -21.99 -26.84
N MET B 262 -2.77 -21.68 -28.13
CA MET B 262 -2.23 -20.38 -28.53
C MET B 262 -3.00 -19.14 -28.03
N GLU B 263 -4.33 -19.21 -28.03
CA GLU B 263 -5.17 -18.09 -27.65
C GLU B 263 -5.54 -18.07 -26.14
N ASP B 264 -5.10 -19.09 -25.37
CA ASP B 264 -5.48 -19.22 -23.95
C ASP B 264 -4.88 -18.15 -23.04
N ASP B 265 -5.75 -17.52 -22.25
CA ASP B 265 -5.37 -16.51 -21.27
C ASP B 265 -4.68 -17.22 -20.08
N ILE B 266 -3.44 -16.78 -19.76
CA ILE B 266 -2.64 -17.32 -18.64
C ILE B 266 -3.43 -17.39 -17.33
N ASP B 267 -4.38 -16.43 -17.11
CA ASP B 267 -5.14 -16.39 -15.86
C ASP B 267 -6.40 -17.22 -15.88
N LYS B 268 -6.66 -17.90 -17.03
CA LYS B 268 -7.81 -18.78 -17.18
C LYS B 268 -7.38 -20.25 -17.36
N ILE B 269 -6.06 -20.52 -17.33
CA ILE B 269 -5.46 -21.85 -17.40
C ILE B 269 -5.89 -22.65 -16.17
N LYS B 270 -6.46 -23.84 -16.36
CA LYS B 270 -6.88 -24.71 -15.27
C LYS B 270 -5.66 -25.54 -14.79
N PRO B 271 -5.58 -25.94 -13.49
CA PRO B 271 -4.42 -26.74 -13.06
C PRO B 271 -4.25 -28.07 -13.82
N SER B 272 -5.33 -28.63 -14.39
CA SER B 272 -5.28 -29.88 -15.14
C SER B 272 -4.91 -29.66 -16.60
N GLU B 273 -4.75 -28.40 -17.07
CA GLU B 273 -4.41 -28.09 -18.48
C GLU B 273 -3.29 -28.98 -19.02
N SER B 274 -3.63 -29.80 -20.04
CA SER B 274 -2.68 -30.76 -20.61
C SER B 274 -1.82 -30.23 -21.78
N ASN B 275 -2.19 -29.07 -22.34
CA ASN B 275 -1.45 -28.55 -23.51
C ASN B 275 -0.49 -27.42 -23.20
N VAL B 276 0.43 -27.22 -24.13
CA VAL B 276 1.38 -26.12 -24.21
C VAL B 276 1.41 -25.70 -25.68
N THR B 277 1.84 -24.45 -25.92
CA THR B 277 2.03 -23.92 -27.26
C THR B 277 3.45 -23.42 -27.31
N ILE B 278 4.22 -23.94 -28.27
CA ILE B 278 5.61 -23.53 -28.47
C ILE B 278 5.57 -22.43 -29.51
N LEU B 279 6.01 -21.24 -29.14
CA LEU B 279 5.93 -20.07 -30.03
C LEU B 279 7.18 -19.85 -30.87
N GLY B 280 8.33 -20.27 -30.35
CA GLY B 280 9.57 -20.12 -31.09
C GLY B 280 10.76 -20.51 -30.26
N ARG B 281 11.93 -20.49 -30.89
CA ARG B 281 13.18 -20.84 -30.23
C ARG B 281 14.23 -19.84 -30.61
N PHE B 282 15.11 -19.55 -29.66
CA PHE B 282 16.31 -18.75 -29.86
C PHE B 282 17.41 -19.80 -29.91
N ASP B 283 17.94 -20.05 -31.13
CA ASP B 283 18.98 -21.06 -31.39
C ASP B 283 20.40 -20.49 -31.21
N TYR B 284 21.26 -21.34 -30.67
CA TYR B 284 22.66 -21.01 -30.42
C TYR B 284 23.48 -22.30 -30.44
N SER B 285 24.75 -22.22 -30.08
CA SER B 285 25.59 -23.41 -30.15
C SER B 285 26.50 -23.47 -28.95
N GLN B 286 27.14 -24.65 -28.75
CA GLN B 286 28.15 -24.85 -27.71
C GLN B 286 27.70 -24.43 -26.31
N CYS B 287 26.49 -24.81 -25.93
CA CYS B 287 26.02 -24.54 -24.57
C CYS B 287 25.21 -25.76 -24.11
N ASP B 288 25.85 -26.93 -24.20
CA ASP B 288 25.26 -28.24 -23.90
C ASP B 288 25.59 -28.76 -22.49
N ILE B 289 26.35 -27.97 -21.69
CA ILE B 289 26.66 -28.35 -20.31
C ILE B 289 25.53 -27.84 -19.44
N TRP B 290 25.27 -28.52 -18.30
CA TRP B 290 24.22 -28.08 -17.40
C TRP B 290 24.66 -26.83 -16.63
N TYR B 291 23.66 -26.04 -16.14
CA TYR B 291 23.81 -24.91 -15.21
C TYR B 291 24.38 -23.67 -15.89
N MET B 292 23.63 -23.15 -16.85
CA MET B 292 24.01 -21.95 -17.63
C MET B 292 22.78 -21.05 -17.70
N ARG B 293 22.85 -19.86 -17.11
CA ARG B 293 21.71 -18.96 -17.06
C ARG B 293 21.63 -18.00 -18.22
N PHE B 294 20.39 -17.66 -18.63
CA PHE B 294 20.18 -16.53 -19.51
C PHE B 294 19.57 -15.40 -18.67
N SER B 295 19.63 -14.18 -19.18
CA SER B 295 19.14 -12.99 -18.47
CA SER B 295 19.04 -13.05 -18.48
C SER B 295 18.55 -12.00 -19.44
N MET B 296 17.70 -11.10 -18.94
CA MET B 296 17.15 -10.01 -19.71
C MET B 296 17.49 -8.69 -19.04
N ASP B 297 17.41 -7.59 -19.80
CA ASP B 297 17.58 -6.27 -19.23
C ASP B 297 16.25 -5.90 -18.54
N PHE B 298 16.19 -4.74 -17.88
CA PHE B 298 14.99 -4.34 -17.13
C PHE B 298 13.74 -4.23 -17.99
N TRP B 299 13.85 -3.61 -19.16
CA TRP B 299 12.71 -3.40 -20.06
C TRP B 299 12.40 -4.65 -20.91
N GLN B 300 13.22 -5.69 -20.78
CA GLN B 300 13.02 -6.96 -21.48
C GLN B 300 13.01 -6.76 -23.00
N LYS B 301 13.98 -5.95 -23.46
CA LYS B 301 14.23 -5.65 -24.86
C LYS B 301 15.39 -6.49 -25.37
N MET B 302 16.24 -6.97 -24.45
CA MET B 302 17.42 -7.78 -24.76
C MET B 302 17.45 -9.06 -23.99
N LEU B 303 17.91 -10.11 -24.64
CA LEU B 303 18.07 -11.42 -24.00
C LEU B 303 19.53 -11.78 -24.15
N ALA B 304 20.21 -12.21 -23.06
CA ALA B 304 21.64 -12.55 -23.12
C ALA B 304 21.89 -13.95 -22.59
N LEU B 305 22.83 -14.68 -23.21
CA LEU B 305 23.20 -16.02 -22.75
C LEU B 305 24.65 -16.24 -23.12
N GLY B 306 25.43 -16.74 -22.17
CA GLY B 306 26.83 -17.07 -22.43
C GLY B 306 26.94 -18.56 -22.76
N ASN B 307 28.00 -18.97 -23.48
CA ASN B 307 28.11 -20.38 -23.79
C ASN B 307 29.37 -20.99 -23.15
N GLN B 308 29.63 -22.28 -23.40
CA GLN B 308 30.69 -23.00 -22.70
C GLN B 308 32.09 -22.63 -23.14
N VAL B 309 32.23 -21.88 -24.25
CA VAL B 309 33.54 -21.49 -24.79
C VAL B 309 33.79 -19.97 -24.68
N GLY B 310 32.97 -19.28 -23.89
CA GLY B 310 33.18 -17.84 -23.65
C GLY B 310 32.53 -16.87 -24.61
N LYS B 311 31.61 -17.33 -25.46
CA LYS B 311 30.85 -16.42 -26.35
C LYS B 311 29.59 -15.96 -25.62
N LEU B 312 29.18 -14.72 -25.91
CA LEU B 312 28.02 -14.13 -25.27
C LEU B 312 27.04 -13.78 -26.38
N TYR B 313 25.87 -14.40 -26.37
CA TYR B 313 24.82 -14.15 -27.36
C TYR B 313 23.84 -13.10 -26.82
N VAL B 314 23.43 -12.16 -27.68
CA VAL B 314 22.47 -11.12 -27.31
C VAL B 314 21.44 -11.04 -28.43
N TRP B 315 20.15 -11.20 -28.07
CA TRP B 315 19.05 -11.10 -29.02
C TRP B 315 18.22 -9.88 -28.70
N ASP B 316 17.63 -9.29 -29.75
CA ASP B 316 16.72 -8.15 -29.63
C ASP B 316 15.32 -8.77 -29.52
N LEU B 317 14.67 -8.60 -28.35
CA LEU B 317 13.33 -9.16 -28.09
C LEU B 317 12.20 -8.39 -28.75
N GLU B 318 12.51 -7.21 -29.30
CA GLU B 318 11.51 -6.41 -29.99
C GLU B 318 11.45 -6.73 -31.48
N VAL B 319 12.34 -7.61 -31.98
CA VAL B 319 12.42 -8.00 -33.40
C VAL B 319 11.20 -8.82 -33.85
N CYS B 327 20.58 -11.73 -33.83
CA CYS B 327 21.51 -12.12 -32.77
C CYS B 327 22.90 -11.52 -32.97
N THR B 328 23.43 -10.92 -31.90
CA THR B 328 24.76 -10.34 -31.84
C THR B 328 25.61 -11.31 -31.01
N THR B 329 26.83 -11.63 -31.49
CA THR B 329 27.72 -12.52 -30.75
C THR B 329 28.93 -11.72 -30.27
N LEU B 330 29.11 -11.66 -28.95
CA LEU B 330 30.20 -10.91 -28.32
C LEU B 330 31.32 -11.85 -27.97
N THR B 331 32.47 -11.64 -28.58
CA THR B 331 33.60 -12.53 -28.36
C THR B 331 34.83 -11.74 -28.08
N HIS B 332 35.65 -12.28 -27.20
CA HIS B 332 36.99 -11.74 -26.94
C HIS B 332 37.87 -13.00 -26.96
N HIS B 333 38.99 -12.96 -27.70
CA HIS B 333 39.91 -14.11 -27.80
C HIS B 333 40.44 -14.61 -26.45
N LYS B 334 40.48 -13.74 -25.43
CA LYS B 334 40.96 -14.12 -24.10
C LYS B 334 39.85 -14.67 -23.22
N CYS B 335 38.59 -14.57 -23.68
CA CYS B 335 37.43 -15.07 -22.92
C CYS B 335 37.04 -16.42 -23.48
N GLY B 336 37.57 -17.48 -22.88
CA GLY B 336 37.33 -18.85 -23.38
C GLY B 336 36.65 -19.81 -22.43
N ALA B 337 36.38 -19.39 -21.19
CA ALA B 337 35.75 -20.26 -20.19
C ALA B 337 34.22 -20.11 -20.20
N ALA B 338 33.50 -21.13 -19.72
CA ALA B 338 32.02 -21.10 -19.71
C ALA B 338 31.48 -19.88 -18.96
N ILE B 339 30.55 -19.14 -19.59
CA ILE B 339 29.93 -17.96 -18.98
C ILE B 339 28.69 -18.48 -18.27
N ARG B 340 28.72 -18.50 -16.93
CA ARG B 340 27.65 -19.09 -16.12
C ARG B 340 26.41 -18.23 -16.01
N GLN B 341 26.63 -16.92 -15.91
CA GLN B 341 25.53 -15.96 -15.84
C GLN B 341 26.05 -14.62 -16.31
N THR B 342 25.10 -13.75 -16.72
CA THR B 342 25.37 -12.39 -17.15
C THR B 342 24.40 -11.45 -16.44
N SER B 343 24.70 -10.15 -16.42
CA SER B 343 23.78 -9.20 -15.82
C SER B 343 23.95 -7.87 -16.51
N PHE B 344 22.84 -7.29 -16.94
CA PHE B 344 22.86 -5.93 -17.53
C PHE B 344 22.65 -4.93 -16.35
N SER B 345 23.27 -3.73 -16.44
CA SER B 345 22.99 -2.66 -15.49
C SER B 345 21.53 -2.25 -15.74
N ARG B 346 20.90 -1.52 -14.80
CA ARG B 346 19.50 -1.12 -15.00
C ARG B 346 19.25 -0.33 -16.30
N ASP B 347 20.18 0.54 -16.67
CA ASP B 347 20.03 1.39 -17.86
C ASP B 347 20.49 0.66 -19.15
N SER B 348 20.87 -0.64 -19.01
CA SER B 348 21.32 -1.50 -20.11
C SER B 348 22.64 -1.02 -20.80
N SER B 349 23.39 -0.06 -20.21
CA SER B 349 24.62 0.44 -20.83
C SER B 349 25.81 -0.49 -20.61
N ILE B 350 25.71 -1.41 -19.60
CA ILE B 350 26.79 -2.32 -19.27
C ILE B 350 26.25 -3.74 -19.18
N LEU B 351 27.02 -4.69 -19.71
CA LEU B 351 26.69 -6.11 -19.63
C LEU B 351 27.92 -6.80 -19.00
N ILE B 352 27.72 -7.48 -17.86
CA ILE B 352 28.81 -8.18 -17.18
C ILE B 352 28.61 -9.67 -17.38
N ALA B 353 29.70 -10.41 -17.69
CA ALA B 353 29.64 -11.87 -17.80
C ALA B 353 30.64 -12.48 -16.79
N VAL B 354 30.25 -13.59 -16.10
CA VAL B 354 31.13 -14.23 -15.11
C VAL B 354 31.35 -15.67 -15.54
N CYS B 355 32.55 -16.17 -15.25
CA CYS B 355 33.00 -17.45 -15.82
C CYS B 355 33.44 -18.52 -14.83
N ASP B 356 33.58 -19.75 -15.38
CA ASP B 356 34.08 -20.93 -14.68
C ASP B 356 35.49 -20.79 -14.15
N ASP B 357 36.31 -19.90 -14.75
CA ASP B 357 37.69 -19.71 -14.33
C ASP B 357 37.84 -18.51 -13.35
N ALA B 358 36.68 -17.98 -12.83
CA ALA B 358 36.62 -16.86 -11.89
C ALA B 358 36.87 -15.51 -12.58
N SER B 359 36.83 -15.49 -13.92
CA SER B 359 37.00 -14.22 -14.65
C SER B 359 35.68 -13.48 -14.79
N ILE B 360 35.78 -12.14 -14.89
CA ILE B 360 34.65 -11.20 -15.01
C ILE B 360 34.91 -10.34 -16.25
N TRP B 361 33.92 -10.18 -17.13
CA TRP B 361 34.11 -9.45 -18.40
C TRP B 361 33.13 -8.31 -18.47
N ARG B 362 33.61 -7.11 -18.81
CA ARG B 362 32.73 -5.94 -18.89
C ARG B 362 32.56 -5.50 -20.33
N TRP B 363 31.29 -5.47 -20.79
CA TRP B 363 30.91 -5.05 -22.15
C TRP B 363 30.08 -3.77 -22.08
N ASP B 364 30.56 -2.69 -22.71
CA ASP B 364 29.81 -1.43 -22.72
C ASP B 364 29.06 -1.26 -24.01
N ARG B 365 27.79 -0.82 -23.91
CA ARG B 365 26.89 -0.64 -25.06
C ARG B 365 27.31 0.55 -25.90
N LEU B 366 27.30 0.38 -27.23
CA LEU B 366 27.68 1.43 -28.19
C LEU B 366 26.45 2.16 -28.70
N SER C 5 -26.60 12.85 -11.97
CA SER C 5 -25.56 13.86 -12.23
C SER C 5 -24.16 13.24 -12.27
N SER C 6 -23.20 13.98 -12.88
CA SER C 6 -21.79 13.60 -13.00
C SER C 6 -21.15 13.54 -11.62
N ASN C 7 -21.58 14.43 -10.69
CA ASN C 7 -21.05 14.44 -9.33
C ASN C 7 -21.44 13.17 -8.58
N ARG C 8 -22.68 12.70 -8.79
CA ARG C 8 -23.20 11.47 -8.17
C ARG C 8 -22.37 10.25 -8.64
N GLN C 9 -21.94 10.25 -9.92
CA GLN C 9 -21.11 9.17 -10.49
C GLN C 9 -19.75 9.12 -9.77
N LYS C 10 -19.16 10.32 -9.49
CA LYS C 10 -17.90 10.45 -8.75
C LYS C 10 -18.09 9.91 -7.33
N ILE C 11 -19.23 10.24 -6.68
CA ILE C 11 -19.56 9.74 -5.33
C ILE C 11 -19.62 8.21 -5.37
N LEU C 12 -20.33 7.64 -6.36
CA LEU C 12 -20.49 6.18 -6.50
C LEU C 12 -19.14 5.48 -6.64
N GLU C 13 -18.34 5.90 -7.62
CA GLU C 13 -17.03 5.29 -7.89
C GLU C 13 -16.05 5.43 -6.73
N ARG C 14 -16.03 6.60 -6.07
CA ARG C 14 -15.13 6.86 -4.94
C ARG C 14 -15.56 6.15 -3.66
N THR C 15 -16.88 6.11 -3.37
CA THR C 15 -17.38 5.38 -2.19
C THR C 15 -17.18 3.89 -2.43
N GLU C 16 -17.25 3.43 -3.72
CA GLU C 16 -17.04 2.02 -4.04
C GLU C 16 -15.59 1.59 -3.73
N ILE C 17 -14.59 2.45 -4.04
CA ILE C 17 -13.16 2.26 -3.74
C ILE C 17 -13.00 2.12 -2.21
N LEU C 18 -13.64 3.01 -1.41
CA LEU C 18 -13.56 2.95 0.05
C LEU C 18 -14.26 1.71 0.57
N ASN C 19 -15.40 1.32 -0.05
CA ASN C 19 -16.10 0.12 0.40
C ASN C 19 -15.28 -1.13 0.16
N GLN C 20 -14.62 -1.22 -1.03
CA GLN C 20 -13.74 -2.36 -1.37
C GLN C 20 -12.57 -2.43 -0.37
N GLU C 21 -11.98 -1.27 0.00
CA GLU C 21 -10.90 -1.22 1.00
C GLU C 21 -11.40 -1.73 2.38
N TRP C 22 -12.64 -1.35 2.76
CA TRP C 22 -13.30 -1.81 4.00
C TRP C 22 -13.56 -3.32 3.95
N LYS C 23 -14.00 -3.86 2.79
CA LYS C 23 -14.31 -5.28 2.60
C LYS C 23 -13.04 -6.13 2.74
N GLN C 24 -11.86 -5.56 2.42
CA GLN C 24 -10.57 -6.24 2.54
C GLN C 24 -10.08 -6.30 3.99
N ARG C 25 -10.63 -5.42 4.87
CA ARG C 25 -10.25 -5.34 6.28
C ARG C 25 -11.10 -6.18 7.22
N ARG C 26 -10.51 -6.59 8.34
CA ARG C 26 -11.17 -7.40 9.36
C ARG C 26 -10.79 -6.79 10.70
N ILE C 27 -11.37 -5.63 11.02
CA ILE C 27 -11.12 -4.92 12.27
C ILE C 27 -11.81 -5.68 13.40
N GLN C 28 -11.09 -5.85 14.53
CA GLN C 28 -11.56 -6.54 15.73
C GLN C 28 -12.80 -5.82 16.31
N PRO C 29 -13.87 -6.55 16.68
CA PRO C 29 -15.07 -5.86 17.22
C PRO C 29 -14.82 -5.25 18.60
N VAL C 30 -15.45 -4.08 18.87
CA VAL C 30 -15.37 -3.35 20.15
C VAL C 30 -16.08 -4.16 21.23
N MET D 3 -0.19 -11.93 -31.53
CA MET D 3 0.05 -12.17 -30.11
C MET D 3 1.38 -11.56 -29.61
N PHE D 4 2.35 -11.33 -30.53
CA PHE D 4 3.64 -10.73 -30.21
C PHE D 4 3.43 -9.29 -29.73
N SER D 5 2.69 -8.48 -30.51
CA SER D 5 2.41 -7.09 -30.17
C SER D 5 1.60 -6.97 -28.87
N SER D 6 0.57 -7.83 -28.67
CA SER D 6 -0.23 -7.80 -27.44
C SER D 6 0.61 -8.19 -26.21
N ASN D 7 1.54 -9.17 -26.38
CA ASN D 7 2.44 -9.55 -25.29
C ASN D 7 3.44 -8.44 -25.00
N ARG D 8 3.97 -7.76 -26.08
CA ARG D 8 4.90 -6.64 -25.88
C ARG D 8 4.20 -5.49 -25.15
N GLN D 9 2.90 -5.24 -25.47
CA GLN D 9 2.12 -4.18 -24.82
C GLN D 9 2.00 -4.44 -23.31
N LYS D 10 1.76 -5.72 -22.93
CA LYS D 10 1.70 -6.16 -21.53
C LYS D 10 3.02 -5.89 -20.85
N ILE D 11 4.15 -6.25 -21.53
CA ILE D 11 5.50 -6.00 -20.99
C ILE D 11 5.70 -4.49 -20.80
N LEU D 12 5.35 -3.68 -21.82
CA LEU D 12 5.50 -2.23 -21.74
C LEU D 12 4.76 -1.65 -20.53
N GLU D 13 3.44 -1.96 -20.39
CA GLU D 13 2.61 -1.45 -19.30
C GLU D 13 3.09 -1.88 -17.90
N ARG D 14 3.44 -3.17 -17.74
CA ARG D 14 3.84 -3.70 -16.45
C ARG D 14 5.24 -3.27 -16.06
N THR D 15 6.18 -3.18 -17.02
CA THR D 15 7.51 -2.69 -16.68
C THR D 15 7.42 -1.19 -16.35
N GLU D 16 6.49 -0.45 -17.01
CA GLU D 16 6.24 0.97 -16.72
C GLU D 16 5.77 1.17 -15.28
N ILE D 17 4.89 0.29 -14.77
CA ILE D 17 4.41 0.30 -13.38
C ILE D 17 5.61 0.09 -12.43
N LEU D 18 6.48 -0.89 -12.73
CA LEU D 18 7.65 -1.15 -11.89
C LEU D 18 8.60 0.03 -11.94
N ASN D 19 8.82 0.60 -13.14
CA ASN D 19 9.74 1.74 -13.30
C ASN D 19 9.24 2.95 -12.51
N GLN D 20 7.92 3.22 -12.55
CA GLN D 20 7.30 4.31 -11.79
C GLN D 20 7.50 4.10 -10.29
N GLU D 21 7.37 2.83 -9.81
CA GLU D 21 7.58 2.50 -8.40
C GLU D 21 9.04 2.77 -8.00
N TRP D 22 9.99 2.36 -8.86
CA TRP D 22 11.41 2.60 -8.68
C TRP D 22 11.72 4.08 -8.65
N LYS D 23 11.11 4.88 -9.58
CA LYS D 23 11.32 6.32 -9.68
C LYS D 23 10.93 7.05 -8.42
N GLN D 24 9.92 6.51 -7.71
CA GLN D 24 9.41 7.06 -6.45
C GLN D 24 10.32 6.75 -5.25
N ARG D 25 11.17 5.71 -5.37
CA ARG D 25 12.09 5.30 -4.32
C ARG D 25 13.44 6.03 -4.38
N ARG D 26 14.11 6.11 -3.21
CA ARG D 26 15.42 6.77 -3.04
C ARG D 26 16.32 5.85 -2.20
N ILE D 27 16.68 4.69 -2.76
CA ILE D 27 17.51 3.69 -2.06
C ILE D 27 18.90 4.24 -1.83
N GLN D 28 19.47 4.01 -0.61
CA GLN D 28 20.81 4.51 -0.27
C GLN D 28 21.86 3.81 -1.13
N PRO D 29 22.87 4.52 -1.67
CA PRO D 29 23.87 3.82 -2.50
C PRO D 29 24.76 2.91 -1.66
N VAL D 30 25.31 1.85 -2.30
CA VAL D 30 26.25 0.91 -1.68
C VAL D 30 27.60 1.66 -1.59
C1 7W7 E . -19.13 22.21 17.90
C2 7W7 E . -18.73 23.09 16.87
C3 7W7 E . -19.49 23.18 15.68
C11 7W7 E . -18.79 23.22 20.08
C12 7W7 E . -17.64 23.74 20.92
C14 7W7 E . -19.23 24.89 22.43
C15 7W7 E . -20.41 24.20 21.72
C16 7W7 E . -19.94 22.91 21.02
C17 7W7 E . -17.55 26.18 21.09
C4 7W7 E . -20.67 22.44 15.49
C5 7W7 E . -21.04 21.62 16.55
C6 7W7 E . -20.32 21.51 17.72
O7 7W7 E . -22.12 20.78 16.62
C8 7W7 E . -22.12 20.16 17.92
O9 7W7 E . -20.92 20.63 18.57
C10 7W7 E . -18.38 22.06 19.20
N13 7W7 E . -18.12 25.01 21.46
N18 7W7 E . -17.69 27.30 21.80
N19 7W7 E . -16.73 26.25 19.91
Y YT3 F . -2.28 -28.31 -0.84
Y YT3 G . -7.16 -20.67 2.71
C1 7W7 H . 22.88 -23.13 -11.05
C2 7W7 H . 21.69 -23.78 -11.42
C3 7W7 H . 21.08 -23.50 -12.66
C11 7W7 H . 24.33 -24.67 -9.84
C12 7W7 H . 24.37 -25.40 -8.52
C14 7W7 H . 26.35 -26.71 -9.26
C15 7W7 H . 26.49 -25.81 -10.50
C16 7W7 H . 25.76 -24.46 -10.35
C17 7W7 H . 24.22 -27.84 -8.58
C4 7W7 H . 21.66 -22.62 -13.57
C5 7W7 H . 22.88 -22.04 -13.18
C6 7W7 H . 23.45 -22.26 -11.96
O7 7W7 H . 23.63 -21.15 -13.88
C8 7W7 H . 24.84 -20.89 -13.14
O9 7W7 H . 24.62 -21.53 -11.88
C10 7W7 H . 23.54 -23.37 -9.71
N13 7W7 H . 24.94 -26.72 -8.80
N18 7W7 H . 22.92 -27.76 -7.99
N19 7W7 H . 24.70 -29.04 -8.89
#